data_4YC2
#
_entry.id   4YC2
#
_cell.length_a   75.801
_cell.length_b   211.800
_cell.length_c   72.898
_cell.angle_alpha   90.00
_cell.angle_beta   90.00
_cell.angle_gamma   90.00
#
_symmetry.space_group_name_H-M   'P 21 21 2'
#
loop_
_entity.id
_entity.type
_entity.pdbx_description
1 polymer 'The stabilized inner domain of clade A/E HIV-1 gp120 from E. coli'
2 polymer 'The antibody A32 Fab heavy chain.'
3 polymer 'The antibody A32 Fab light chain.'
4 water water
#
loop_
_entity_poly.entity_id
_entity_poly.type
_entity_poly.pdbx_seq_one_letter_code
_entity_poly.pdbx_strand_id
1 'polypeptide(L)'
;GSVPVWKDADTTLFCASDAKAHETECHNVWATHACVPTDPNPQEIHLENVTENFNMWKNNMVEQMQEDVISLWDQCLQPG
GAPKISFDPIPIHYCTPAGYVILKCNDKNFNGTGPCKNVSSVQCTHGIKPVVSSGGGNIKDNWRSELYKYKVVQIE
;
G,A
2 'polypeptide(L)'
;QVQLQESGPGLVKPSQTLSLSCTVSGGSSSSGAHYWSWIRQYPGKGLEWIGYIHYSGNTYYNPSLKSRITISQHTSENQF
SLKLNSVTVADTAVYYCARGTRLRTLRNAFDIWGQGTMVTVSSASTKGPSVFPLAPSSKSTSGGTAALGCLVKDYFPEPV
TVSWNSGALTSGVHTFPAVLQSSGLYSLSSVVTVPSSSLGTQTYICNVNHKPSNTKVDKRVEPK
;
H,B
3 'polypeptide(L)'
;VLTQPPSASGSPGQSVTISCTGTSSDVGGYNYVSWYQHHPGKAPKLIISEVNNRPSGVPDRFSGSKSGNTASLTVSGLQA
EDEAEYYCSSYTDIHNFVFGGGTKLTVLGQPKAAPSVTLFPPSSEELQANKATLVCLISDFYPGAVTVAWKADSSPVKAG
VETTTPSKQSNNKYAASSYLSLTPEQWKSHRSYSCQVTHEGSTVEKTVAP
;
L,C
#
# COMPACT_ATOMS: atom_id res chain seq x y z
N TRP A 6 -0.61 -21.54 12.07
CA TRP A 6 -0.15 -21.93 10.71
C TRP A 6 -0.13 -23.44 10.51
N LYS A 7 0.01 -23.86 9.25
CA LYS A 7 0.33 -25.25 8.91
C LYS A 7 1.69 -25.25 8.24
N ASP A 8 2.55 -26.22 8.57
CA ASP A 8 3.79 -26.42 7.81
C ASP A 8 3.43 -27.12 6.49
N ALA A 9 3.82 -26.49 5.38
CA ALA A 9 3.26 -26.82 4.07
C ALA A 9 4.30 -26.60 2.98
N ASP A 10 3.89 -26.86 1.73
CA ASP A 10 4.75 -26.75 0.56
C ASP A 10 4.06 -25.83 -0.47
N THR A 11 4.79 -24.87 -1.02
CA THR A 11 4.26 -23.97 -2.05
C THR A 11 5.32 -23.60 -3.09
N THR A 12 4.85 -22.93 -4.14
CA THR A 12 5.69 -22.45 -5.22
C THR A 12 6.30 -21.10 -4.83
N LEU A 13 7.63 -21.04 -4.77
CA LEU A 13 8.35 -19.83 -4.36
C LEU A 13 8.69 -18.94 -5.55
N PHE A 14 9.24 -17.77 -5.28
CA PHE A 14 9.89 -16.94 -6.30
C PHE A 14 11.23 -16.42 -5.82
N CYS A 15 12.01 -15.92 -6.78
CA CYS A 15 13.33 -15.38 -6.52
C CYS A 15 13.37 -13.88 -6.73
N ALA A 16 14.31 -13.24 -6.04
CA ALA A 16 14.52 -11.81 -6.14
C ALA A 16 16.02 -11.55 -6.08
N SER A 17 16.47 -10.54 -6.80
CA SER A 17 17.88 -10.15 -6.79
C SER A 17 18.04 -8.68 -7.10
N ASP A 18 19.25 -8.20 -6.90
CA ASP A 18 19.59 -6.81 -7.20
C ASP A 18 20.26 -6.72 -8.56
N ALA A 19 19.94 -7.66 -9.44
CA ALA A 19 20.62 -7.80 -10.70
C ALA A 19 20.43 -6.55 -11.54
N LYS A 20 21.38 -6.35 -12.44
CA LYS A 20 21.36 -5.25 -13.38
C LYS A 20 20.69 -5.73 -14.65
N ALA A 21 19.70 -4.99 -15.13
CA ALA A 21 18.98 -5.36 -16.35
C ALA A 21 19.89 -5.32 -17.58
N HIS A 22 21.00 -4.58 -17.49
CA HIS A 22 21.74 -4.13 -18.66
C HIS A 22 22.93 -4.98 -19.09
N GLU A 23 23.20 -6.12 -18.43
CA GLU A 23 24.54 -6.71 -18.53
C GLU A 23 24.70 -8.25 -18.53
N THR A 24 25.79 -8.66 -19.19
CA THR A 24 26.03 -9.98 -19.75
C THR A 24 26.52 -11.11 -18.85
N GLU A 25 26.92 -10.82 -17.62
CA GLU A 25 27.38 -11.86 -16.67
C GLU A 25 26.30 -12.94 -16.58
N CYS A 26 26.69 -14.21 -16.67
CA CYS A 26 25.75 -15.29 -17.08
C CYS A 26 24.40 -15.31 -16.35
N HIS A 27 24.42 -15.32 -15.02
CA HIS A 27 23.18 -15.45 -14.25
C HIS A 27 22.66 -14.14 -13.66
N ASN A 28 23.36 -13.04 -13.91
CA ASN A 28 22.69 -11.74 -13.97
C ASN A 28 21.67 -11.86 -15.10
N VAL A 29 22.09 -12.44 -16.21
CA VAL A 29 21.23 -12.60 -17.39
C VAL A 29 20.04 -13.51 -17.09
N TRP A 30 20.28 -14.63 -16.42
CA TRP A 30 19.19 -15.51 -16.00
C TRP A 30 18.22 -14.79 -15.05
N ALA A 31 18.77 -14.16 -14.01
CA ALA A 31 17.99 -13.52 -12.93
C ALA A 31 17.11 -12.37 -13.42
N THR A 32 17.60 -11.61 -14.40
CA THR A 32 16.84 -10.50 -14.94
C THR A 32 15.61 -10.99 -15.67
N HIS A 33 15.67 -12.21 -16.19
CA HIS A 33 14.52 -12.82 -16.85
C HIS A 33 13.80 -13.85 -15.98
N ALA A 34 14.23 -14.01 -14.73
CA ALA A 34 13.61 -14.98 -13.82
C ALA A 34 13.12 -14.41 -12.51
N CYS A 35 13.78 -13.36 -12.01
CA CYS A 35 13.53 -12.85 -10.67
C CYS A 35 13.03 -11.43 -10.71
N VAL A 36 12.51 -10.99 -9.56
CA VAL A 36 12.08 -9.62 -9.33
C VAL A 36 13.22 -8.85 -8.63
N PRO A 37 13.10 -7.51 -8.50
CA PRO A 37 14.07 -6.76 -7.70
C PRO A 37 13.97 -7.04 -6.19
N THR A 38 15.07 -6.88 -5.47
CA THR A 38 15.07 -7.07 -4.02
C THR A 38 14.54 -5.82 -3.34
N ASP A 39 13.78 -6.01 -2.25
CA ASP A 39 13.39 -4.90 -1.41
C ASP A 39 14.55 -4.65 -0.43
N PRO A 40 15.05 -3.39 -0.38
CA PRO A 40 16.22 -3.12 0.47
C PRO A 40 15.97 -3.24 1.99
N ASN A 41 14.72 -3.39 2.42
CA ASN A 41 14.37 -3.57 3.83
C ASN A 41 13.35 -4.71 4.01
N PRO A 42 13.85 -5.94 4.24
CA PRO A 42 12.95 -7.06 4.51
C PRO A 42 12.39 -7.05 5.94
N GLN A 43 11.39 -7.91 6.20
CA GLN A 43 10.84 -8.07 7.56
C GLN A 43 11.48 -9.22 8.31
N GLU A 44 11.83 -8.97 9.58
CA GLU A 44 12.38 -9.98 10.47
C GLU A 44 11.71 -9.87 11.85
N ILE A 45 10.81 -10.80 12.16
CA ILE A 45 9.98 -10.72 13.36
C ILE A 45 10.40 -11.79 14.36
N HIS A 46 10.94 -11.38 15.51
CA HIS A 46 11.30 -12.34 16.56
C HIS A 46 10.06 -13.11 16.97
N LEU A 47 10.17 -14.40 16.89
CA LEU A 47 9.37 -15.27 17.70
C LEU A 47 9.51 -14.89 19.16
N GLU A 48 8.39 -14.59 19.82
CA GLU A 48 8.41 -14.57 21.27
C GLU A 48 8.37 -16.04 21.61
N ASN A 49 8.95 -16.41 22.75
CA ASN A 49 8.60 -17.65 23.52
C ASN A 49 8.49 -19.07 22.88
N VAL A 50 7.99 -19.17 21.65
CA VAL A 50 7.59 -20.44 21.05
C VAL A 50 8.79 -21.15 20.45
N THR A 51 8.67 -22.46 20.26
CA THR A 51 9.69 -23.30 19.59
C THR A 51 9.07 -24.27 18.58
N GLU A 52 9.74 -24.43 17.44
CA GLU A 52 9.30 -25.39 16.42
C GLU A 52 10.42 -26.30 15.88
N ASN A 53 10.01 -27.49 15.44
CA ASN A 53 10.90 -28.51 14.86
C ASN A 53 11.31 -28.41 13.38
N PHE A 54 12.59 -28.20 13.12
CA PHE A 54 13.06 -28.07 11.74
C PHE A 54 13.70 -29.35 11.26
N ASN A 55 13.85 -29.42 9.94
CA ASN A 55 14.40 -30.59 9.29
C ASN A 55 14.91 -30.17 7.93
N MET A 56 16.20 -29.82 7.89
CA MET A 56 16.86 -29.47 6.64
C MET A 56 16.76 -30.56 5.57
N TRP A 57 16.64 -31.82 6.00
CA TRP A 57 16.58 -32.95 5.09
C TRP A 57 15.20 -33.11 4.43
N LYS A 58 14.13 -32.74 5.14
CA LYS A 58 12.80 -32.58 4.53
C LYS A 58 12.44 -31.12 4.40
N ASN A 59 13.13 -30.46 3.48
CA ASN A 59 12.78 -29.11 3.11
C ASN A 59 12.70 -28.94 1.59
N ASN A 60 11.47 -28.82 1.11
CA ASN A 60 11.17 -28.54 -0.28
C ASN A 60 11.46 -27.08 -0.69
N MET A 61 12.54 -26.53 -0.17
CA MET A 61 13.24 -25.42 -0.78
C MET A 61 14.56 -25.92 -1.38
N VAL A 62 14.96 -27.13 -0.99
CA VAL A 62 16.09 -27.84 -1.61
C VAL A 62 15.55 -28.71 -2.78
N GLU A 63 14.29 -28.46 -3.14
CA GLU A 63 13.56 -29.13 -4.24
C GLU A 63 13.22 -28.22 -5.45
N GLN A 64 13.06 -26.90 -5.21
CA GLN A 64 12.78 -25.88 -6.26
C GLN A 64 14.00 -25.04 -6.73
N MET A 65 14.82 -24.64 -5.76
CA MET A 65 16.20 -24.12 -5.96
C MET A 65 17.00 -24.74 -7.16
N GLN A 66 17.76 -25.81 -6.94
CA GLN A 66 18.08 -26.88 -7.95
C GLN A 66 17.26 -27.21 -9.24
N GLU A 67 16.03 -26.71 -9.40
CA GLU A 67 15.33 -26.81 -10.68
C GLU A 67 15.48 -25.51 -11.44
N ASP A 68 15.59 -24.43 -10.67
CA ASP A 68 16.06 -23.16 -11.19
C ASP A 68 17.58 -23.20 -11.52
N VAL A 69 18.37 -24.01 -10.82
CA VAL A 69 19.79 -24.14 -11.20
C VAL A 69 19.91 -24.86 -12.55
N ILE A 70 18.92 -25.67 -12.87
CA ILE A 70 18.87 -26.39 -14.15
C ILE A 70 18.69 -25.44 -15.31
N SER A 71 17.63 -24.63 -15.24
CA SER A 71 17.36 -23.60 -16.24
C SER A 71 18.42 -22.49 -16.26
N LEU A 72 19.15 -22.31 -15.14
CA LEU A 72 20.28 -21.39 -15.11
C LEU A 72 21.32 -21.80 -16.15
N TRP A 73 21.87 -23.01 -15.99
CA TRP A 73 22.88 -23.55 -16.92
C TRP A 73 22.33 -23.87 -18.30
N ASP A 74 21.05 -24.20 -18.38
CA ASP A 74 20.35 -24.53 -19.64
C ASP A 74 20.68 -23.53 -20.76
N GLN A 75 20.51 -22.25 -20.45
CA GLN A 75 20.80 -21.17 -21.39
C GLN A 75 22.13 -20.47 -21.10
N CYS A 76 22.76 -20.79 -19.97
CA CYS A 76 23.99 -20.11 -19.55
C CYS A 76 25.01 -20.00 -20.70
N LEU A 77 25.64 -21.11 -21.09
CA LEU A 77 26.50 -21.12 -22.29
C LEU A 77 25.77 -21.78 -23.44
N PHE A 87 33.22 -12.70 -14.87
CA PHE A 87 32.33 -13.78 -14.43
C PHE A 87 32.23 -13.82 -12.89
N ASP A 88 31.19 -13.18 -12.36
CA ASP A 88 30.99 -12.97 -10.92
C ASP A 88 29.54 -13.29 -10.54
N PRO A 89 29.32 -14.14 -9.52
CA PRO A 89 27.94 -14.38 -9.11
C PRO A 89 27.43 -13.27 -8.22
N ILE A 90 26.14 -12.96 -8.31
CA ILE A 90 25.51 -12.02 -7.39
C ILE A 90 24.47 -12.72 -6.51
N PRO A 91 24.01 -12.04 -5.45
CA PRO A 91 23.07 -12.69 -4.53
C PRO A 91 21.65 -12.86 -5.07
N ILE A 92 21.08 -14.04 -4.90
CA ILE A 92 19.68 -14.32 -5.20
C ILE A 92 18.96 -14.64 -3.90
N HIS A 93 17.73 -14.17 -3.75
CA HIS A 93 16.90 -14.44 -2.59
C HIS A 93 15.72 -15.28 -3.00
N TYR A 94 15.26 -16.15 -2.11
CA TYR A 94 14.07 -16.95 -2.38
C TYR A 94 13.00 -16.58 -1.38
N CYS A 95 11.77 -16.43 -1.87
CA CYS A 95 10.69 -15.82 -1.09
C CYS A 95 9.38 -16.56 -1.30
N THR A 96 8.40 -16.24 -0.46
CA THR A 96 7.11 -16.91 -0.50
C THR A 96 6.00 -16.02 -1.05
N PRO A 97 4.92 -16.63 -1.56
CA PRO A 97 3.76 -15.83 -1.97
C PRO A 97 2.79 -15.58 -0.81
N ALA A 98 1.76 -14.79 -1.09
CA ALA A 98 0.73 -14.45 -0.11
C ALA A 98 0.09 -15.70 0.45
N GLY A 99 -0.20 -15.67 1.75
CA GLY A 99 -0.71 -16.84 2.47
C GLY A 99 0.37 -17.75 3.07
N TYR A 100 1.65 -17.43 2.82
CA TYR A 100 2.76 -18.24 3.33
C TYR A 100 3.85 -17.33 3.92
N VAL A 101 4.77 -17.92 4.67
CA VAL A 101 5.92 -17.19 5.22
C VAL A 101 7.04 -18.15 5.63
N ILE A 102 8.27 -17.64 5.70
CA ILE A 102 9.46 -18.43 6.02
C ILE A 102 9.88 -18.28 7.49
N LEU A 103 9.94 -19.40 8.21
CA LEU A 103 10.45 -19.42 9.59
C LEU A 103 11.97 -19.68 9.56
N LYS A 104 12.72 -18.89 10.32
CA LYS A 104 14.19 -18.93 10.33
C LYS A 104 14.76 -19.31 11.70
N CYS A 105 15.66 -20.30 11.78
CA CYS A 105 16.26 -20.70 13.07
C CYS A 105 17.52 -19.92 13.47
N ASN A 106 17.45 -19.25 14.61
CA ASN A 106 18.56 -18.43 15.12
C ASN A 106 19.44 -19.13 16.18
N ASP A 107 19.18 -20.40 16.47
CA ASP A 107 20.01 -21.16 17.44
C ASP A 107 21.42 -21.38 16.87
N LYS A 108 22.44 -21.02 17.65
CA LYS A 108 23.84 -21.05 17.19
C LYS A 108 24.49 -22.44 17.18
N ASN A 109 23.96 -23.38 17.97
CA ASN A 109 24.44 -24.77 17.96
C ASN A 109 23.43 -25.74 17.35
N PHE A 110 22.45 -25.17 16.64
CA PHE A 110 21.58 -25.89 15.72
C PHE A 110 22.42 -26.53 14.63
N ASN A 111 22.14 -27.80 14.34
CA ASN A 111 22.89 -28.57 13.32
C ASN A 111 22.18 -28.75 11.99
N GLY A 112 20.86 -28.52 11.97
CA GLY A 112 20.04 -28.82 10.81
C GLY A 112 18.69 -29.41 11.15
N THR A 113 18.64 -30.15 12.27
CA THR A 113 17.44 -30.87 12.69
C THR A 113 17.10 -30.63 14.16
N GLY A 114 15.92 -31.08 14.55
CA GLY A 114 15.51 -31.07 15.96
C GLY A 114 14.96 -29.73 16.40
N PRO A 115 14.78 -29.55 17.73
CA PRO A 115 14.19 -28.30 18.23
C PRO A 115 15.03 -27.02 18.04
N CYS A 116 14.32 -25.89 17.96
CA CYS A 116 14.92 -24.58 17.77
C CYS A 116 14.13 -23.50 18.52
N LYS A 117 14.64 -23.02 19.66
CA LYS A 117 13.87 -22.08 20.49
C LYS A 117 13.80 -20.66 19.91
N ASN A 118 14.87 -20.21 19.27
CA ASN A 118 14.89 -18.87 18.70
C ASN A 118 14.61 -18.92 17.23
N VAL A 119 13.32 -18.89 16.91
CA VAL A 119 12.85 -18.74 15.55
C VAL A 119 12.48 -17.26 15.31
N SER A 120 12.48 -16.88 14.03
CA SER A 120 11.90 -15.62 13.58
C SER A 120 11.29 -15.86 12.19
N SER A 121 10.44 -14.94 11.74
CA SER A 121 9.84 -15.07 10.42
C SER A 121 10.46 -14.07 9.46
N VAL A 122 10.72 -14.51 8.24
CA VAL A 122 11.29 -13.66 7.20
C VAL A 122 10.45 -13.75 5.93
N GLN A 123 10.53 -12.71 5.11
CA GLN A 123 9.82 -12.66 3.84
C GLN A 123 10.63 -13.38 2.75
N CYS A 124 11.94 -13.15 2.76
CA CYS A 124 12.88 -13.77 1.82
C CYS A 124 14.07 -14.31 2.58
N THR A 125 14.79 -15.22 1.94
CA THR A 125 16.03 -15.75 2.50
C THR A 125 17.11 -14.70 2.31
N HIS A 126 18.27 -14.97 2.89
CA HIS A 126 19.45 -14.14 2.67
C HIS A 126 19.91 -14.23 1.22
N GLY A 127 20.74 -13.28 0.81
CA GLY A 127 21.29 -13.23 -0.53
C GLY A 127 22.29 -14.35 -0.71
N ILE A 128 22.02 -15.27 -1.63
CA ILE A 128 22.82 -16.48 -1.81
C ILE A 128 23.69 -16.51 -3.07
N LYS A 129 25.00 -16.40 -2.86
CA LYS A 129 26.01 -16.92 -3.79
C LYS A 129 25.69 -18.34 -4.31
N PRO A 130 25.59 -18.52 -5.64
CA PRO A 130 25.46 -19.92 -6.12
C PRO A 130 26.80 -20.67 -6.13
N ILE A 139 25.39 -30.29 -5.25
CA ILE A 139 25.13 -28.88 -4.97
C ILE A 139 23.78 -28.66 -4.26
N LYS A 140 22.97 -29.71 -4.14
CA LYS A 140 21.93 -29.78 -3.11
C LYS A 140 22.54 -29.49 -1.74
N ASP A 141 23.70 -30.09 -1.48
CA ASP A 141 24.41 -29.96 -0.20
C ASP A 141 24.96 -28.55 0.02
N ASN A 142 25.43 -27.93 -1.07
CA ASN A 142 25.81 -26.52 -1.05
C ASN A 142 24.63 -25.60 -0.76
N TRP A 143 23.44 -25.95 -1.24
CA TRP A 143 22.24 -25.19 -0.87
C TRP A 143 21.89 -25.40 0.60
N ARG A 144 22.06 -26.62 1.10
CA ARG A 144 21.67 -26.97 2.46
C ARG A 144 22.61 -26.42 3.52
N SER A 145 23.88 -26.27 3.12
CA SER A 145 24.86 -25.43 3.80
C SER A 145 24.36 -24.02 4.18
N GLU A 146 23.39 -23.48 3.42
CA GLU A 146 22.74 -22.19 3.74
C GLU A 146 21.25 -22.28 4.06
N LEU A 147 20.55 -23.23 3.42
CA LEU A 147 19.13 -23.49 3.69
C LEU A 147 18.81 -23.81 5.14
N TYR A 148 19.60 -24.72 5.70
CA TYR A 148 19.28 -25.40 6.95
C TYR A 148 18.28 -24.66 7.86
N LYS A 149 18.54 -23.38 8.11
CA LYS A 149 17.74 -22.58 9.03
C LYS A 149 16.37 -22.11 8.52
N TYR A 150 15.96 -22.50 7.31
CA TYR A 150 14.71 -21.96 6.75
C TYR A 150 13.62 -23.03 6.64
N LYS A 151 12.36 -22.65 6.89
CA LYS A 151 11.20 -23.55 6.81
C LYS A 151 9.92 -22.81 6.38
N VAL A 152 9.11 -23.45 5.52
CA VAL A 152 7.89 -22.82 5.02
C VAL A 152 6.67 -23.26 5.82
N VAL A 153 5.79 -22.31 6.12
CA VAL A 153 4.48 -22.59 6.72
C VAL A 153 3.39 -21.77 6.01
N GLN A 154 2.14 -22.19 6.17
CA GLN A 154 1.01 -21.53 5.52
C GLN A 154 0.08 -20.87 6.52
N ILE A 155 -0.24 -19.61 6.27
CA ILE A 155 -1.08 -18.80 7.16
C ILE A 155 -2.55 -19.03 6.80
N GLN B 1 -9.76 -15.78 -5.43
CA GLN B 1 -10.55 -14.59 -4.97
C GLN B 1 -10.11 -13.28 -5.61
N VAL B 2 -8.80 -13.12 -5.81
CA VAL B 2 -8.22 -11.85 -6.27
C VAL B 2 -8.62 -11.58 -7.72
N GLN B 3 -9.54 -10.63 -7.89
CA GLN B 3 -10.03 -10.21 -9.20
C GLN B 3 -9.57 -8.80 -9.50
N LEU B 4 -9.60 -8.43 -10.77
CA LEU B 4 -9.15 -7.12 -11.21
C LEU B 4 -10.28 -6.39 -11.93
N GLN B 5 -10.61 -5.19 -11.46
CA GLN B 5 -11.72 -4.39 -11.99
C GLN B 5 -11.14 -3.15 -12.64
N GLU B 6 -11.40 -2.96 -13.93
CA GLU B 6 -10.91 -1.77 -14.64
C GLU B 6 -12.05 -0.79 -14.75
N SER B 7 -11.73 0.46 -14.44
CA SER B 7 -12.64 1.56 -14.60
C SER B 7 -12.05 2.46 -15.66
N GLY B 8 -12.88 3.33 -16.22
CA GLY B 8 -12.43 4.37 -17.14
C GLY B 8 -13.48 4.91 -18.08
N PRO B 9 -13.11 5.93 -18.89
CA PRO B 9 -14.02 6.48 -19.89
C PRO B 9 -14.27 5.49 -21.01
N GLY B 10 -15.43 5.60 -21.64
CA GLY B 10 -15.76 4.84 -22.83
C GLY B 10 -15.27 5.55 -24.07
N LEU B 11 -15.43 6.87 -24.08
CA LEU B 11 -15.08 7.71 -25.22
C LEU B 11 -13.99 8.71 -24.81
N VAL B 12 -13.05 8.97 -25.73
CA VAL B 12 -12.13 10.12 -25.61
C VAL B 12 -11.88 10.73 -26.97
N LYS B 13 -11.62 12.04 -26.98
CA LYS B 13 -11.39 12.76 -28.22
C LYS B 13 -9.97 12.50 -28.68
N PRO B 14 -9.73 12.50 -30.01
CA PRO B 14 -8.37 12.39 -30.55
C PRO B 14 -7.39 13.39 -29.94
N SER B 15 -6.12 13.02 -29.94
CA SER B 15 -5.02 13.84 -29.41
C SER B 15 -5.05 14.07 -27.90
N GLN B 16 -6.01 13.47 -27.20
CA GLN B 16 -6.24 13.81 -25.81
C GLN B 16 -5.34 12.92 -24.94
N THR B 17 -5.90 12.14 -24.01
CA THR B 17 -5.08 11.35 -23.09
C THR B 17 -6.00 10.43 -22.28
N LEU B 18 -6.13 9.18 -22.74
CA LEU B 18 -6.84 8.16 -21.97
C LEU B 18 -6.10 7.89 -20.67
N SER B 19 -6.85 7.73 -19.60
CA SER B 19 -6.29 7.15 -18.39
C SER B 19 -7.30 6.24 -17.73
N LEU B 20 -6.90 4.98 -17.53
CA LEU B 20 -7.71 3.94 -16.91
C LEU B 20 -7.16 3.58 -15.54
N SER B 21 -8.04 3.09 -14.67
CA SER B 21 -7.68 2.68 -13.31
C SER B 21 -8.12 1.24 -13.14
N CYS B 22 -7.29 0.43 -12.51
CA CYS B 22 -7.63 -0.96 -12.22
C CYS B 22 -7.59 -1.18 -10.72
N THR B 23 -8.64 -1.77 -10.16
CA THR B 23 -8.77 -1.97 -8.72
C THR B 23 -8.66 -3.44 -8.38
N VAL B 24 -7.65 -3.78 -7.59
CA VAL B 24 -7.43 -5.16 -7.14
C VAL B 24 -8.36 -5.39 -5.95
N SER B 25 -8.79 -6.63 -5.74
CA SER B 25 -9.74 -6.93 -4.68
C SER B 25 -9.78 -8.41 -4.33
N GLY B 26 -8.87 -8.84 -3.46
CA GLY B 26 -8.80 -10.24 -3.04
C GLY B 26 -8.16 -10.39 -1.67
N GLY B 27 -6.86 -10.08 -1.55
CA GLY B 27 -5.98 -9.71 -2.66
C GLY B 27 -5.12 -8.48 -2.44
N SER B 28 -3.89 -8.58 -2.95
CA SER B 28 -2.77 -7.76 -2.50
C SER B 28 -2.61 -6.33 -3.12
N SER B 29 -2.32 -6.23 -4.44
CA SER B 29 -1.68 -5.07 -5.10
C SER B 29 -0.32 -4.96 -4.49
N SER B 30 0.04 -3.83 -3.87
CA SER B 30 1.40 -3.60 -3.35
C SER B 30 2.03 -4.88 -2.74
N SER B 31 1.33 -5.39 -1.74
CA SER B 31 1.70 -6.61 -1.01
C SER B 31 2.56 -7.70 -1.70
N GLY B 32 2.29 -8.01 -2.97
CA GLY B 32 2.93 -9.14 -3.65
C GLY B 32 4.12 -8.83 -4.55
N ALA B 33 4.90 -9.87 -4.86
CA ALA B 33 5.91 -9.81 -5.91
C ALA B 33 5.30 -10.37 -7.19
N HIS B 34 4.45 -9.55 -7.79
CA HIS B 34 3.85 -9.78 -9.08
C HIS B 34 4.19 -8.56 -9.90
N TYR B 35 3.65 -8.50 -11.11
CA TYR B 35 3.74 -7.33 -11.95
C TYR B 35 2.32 -6.97 -12.36
N TRP B 36 2.01 -5.68 -12.40
CA TRP B 36 0.64 -5.22 -12.62
C TRP B 36 0.58 -4.54 -13.96
N SER B 37 -0.10 -5.19 -14.91
CA SER B 37 0.08 -4.93 -16.34
C SER B 37 -1.16 -4.43 -17.04
N TRP B 38 -0.93 -3.80 -18.18
CA TRP B 38 -2.00 -3.34 -19.05
C TRP B 38 -1.83 -3.98 -20.40
N ILE B 39 -2.91 -4.58 -20.89
CA ILE B 39 -2.92 -5.31 -22.15
C ILE B 39 -4.20 -4.96 -22.88
N ARG B 40 -4.07 -4.60 -24.16
CA ARG B 40 -5.25 -4.25 -24.96
C ARG B 40 -5.43 -5.24 -26.10
N GLN B 41 -6.68 -5.58 -26.37
CA GLN B 41 -7.01 -6.43 -27.50
C GLN B 41 -7.78 -5.62 -28.52
N TYR B 42 -7.20 -5.51 -29.71
CA TYR B 42 -7.94 -5.06 -30.87
C TYR B 42 -8.90 -6.18 -31.28
N PRO B 43 -10.21 -5.99 -31.08
CA PRO B 43 -11.19 -7.07 -31.32
C PRO B 43 -10.98 -7.73 -32.68
N GLY B 44 -10.46 -8.95 -32.64
CA GLY B 44 -9.94 -9.64 -33.81
C GLY B 44 -8.43 -9.52 -33.71
N LYS B 45 -7.82 -8.96 -34.75
CA LYS B 45 -6.41 -8.54 -34.80
C LYS B 45 -5.30 -9.52 -34.27
N GLY B 46 -4.96 -9.57 -32.98
CA GLY B 46 -5.44 -8.68 -31.91
C GLY B 46 -5.09 -9.07 -30.49
N LEU B 47 -3.91 -8.63 -30.06
CA LEU B 47 -3.57 -8.59 -28.64
C LEU B 47 -2.22 -7.90 -28.45
N GLU B 48 -2.09 -7.06 -27.43
CA GLU B 48 -0.88 -6.23 -27.31
C GLU B 48 -0.56 -5.77 -25.90
N TRP B 49 0.70 -5.96 -25.52
CA TRP B 49 1.17 -5.61 -24.18
C TRP B 49 1.57 -4.17 -24.14
N ILE B 50 1.05 -3.44 -23.17
CA ILE B 50 1.23 -2.01 -23.04
C ILE B 50 2.42 -1.74 -22.11
N GLY B 51 2.37 -2.34 -20.93
CA GLY B 51 3.44 -2.18 -19.95
C GLY B 51 2.99 -2.70 -18.61
N TYR B 52 3.91 -2.74 -17.64
CA TYR B 52 3.55 -3.00 -16.26
C TYR B 52 4.46 -2.33 -15.28
N ILE B 53 4.02 -2.32 -14.03
CA ILE B 53 4.77 -1.73 -12.92
C ILE B 53 4.82 -2.73 -11.76
N HIS B 54 5.98 -2.78 -11.11
CA HIS B 54 6.22 -3.72 -10.03
C HIS B 54 5.97 -3.06 -8.69
N TYR B 55 5.43 -3.82 -7.75
CA TYR B 55 5.37 -3.48 -6.32
C TYR B 55 6.53 -2.64 -5.76
N SER B 56 7.74 -2.83 -6.27
CA SER B 56 8.88 -1.98 -5.91
C SER B 56 8.85 -0.59 -6.56
N GLY B 57 7.98 -0.40 -7.55
CA GLY B 57 7.84 0.86 -8.26
C GLY B 57 8.58 0.88 -9.58
N ASN B 58 9.03 -0.28 -10.06
CA ASN B 58 9.76 -0.34 -11.32
C ASN B 58 8.81 -0.44 -12.50
N THR B 59 8.95 0.48 -13.45
CA THR B 59 8.09 0.51 -14.64
C THR B 59 8.78 -0.18 -15.80
N TYR B 60 7.99 -0.85 -16.61
CA TYR B 60 8.48 -1.50 -17.83
C TYR B 60 7.43 -1.32 -18.91
N TYR B 61 7.66 -0.39 -19.82
CA TYR B 61 6.73 -0.17 -20.92
C TYR B 61 7.21 -0.90 -22.16
N ASN B 62 6.30 -1.01 -23.11
CA ASN B 62 6.55 -1.55 -24.43
C ASN B 62 7.39 -0.53 -25.23
N PRO B 63 8.54 -0.96 -25.80
CA PRO B 63 9.43 -0.07 -26.57
C PRO B 63 8.77 0.74 -27.66
N SER B 64 7.76 0.15 -28.30
CA SER B 64 7.05 0.83 -29.41
C SER B 64 6.18 2.02 -28.99
N LEU B 65 6.10 2.33 -27.68
CA LEU B 65 5.37 3.51 -27.20
C LEU B 65 6.30 4.66 -26.79
N LYS B 66 6.85 5.31 -27.81
CA LYS B 66 7.78 6.46 -27.71
C LYS B 66 7.33 7.58 -26.74
N SER B 67 7.34 7.27 -25.45
CA SER B 67 6.94 8.19 -24.38
C SER B 67 5.47 8.60 -24.39
N ARG B 68 4.59 7.83 -25.02
CA ARG B 68 3.17 8.15 -25.01
C ARG B 68 2.48 7.61 -23.75
N ILE B 69 3.24 7.28 -22.71
CA ILE B 69 2.76 6.32 -21.73
C ILE B 69 3.48 6.35 -20.39
N THR B 70 2.68 6.35 -19.32
CA THR B 70 3.18 6.17 -17.94
C THR B 70 2.22 5.26 -17.16
N ILE B 71 2.77 4.48 -16.24
CA ILE B 71 1.99 3.59 -15.38
C ILE B 71 2.40 3.89 -13.95
N SER B 72 1.45 3.78 -13.02
CA SER B 72 1.70 4.11 -11.62
C SER B 72 0.74 3.43 -10.65
N GLN B 73 1.09 3.48 -9.37
CA GLN B 73 0.52 2.61 -8.34
C GLN B 73 0.02 3.38 -7.11
N HIS B 74 -1.01 2.84 -6.47
CA HIS B 74 -1.46 3.28 -5.13
C HIS B 74 -1.43 2.09 -4.24
N THR B 75 -0.23 1.85 -3.70
CA THR B 75 -0.04 0.88 -2.64
C THR B 75 -1.23 0.95 -1.67
N SER B 76 -1.68 2.18 -1.37
CA SER B 76 -2.84 2.43 -0.49
C SER B 76 -4.12 1.71 -0.84
N GLU B 77 -4.78 2.17 -1.92
CA GLU B 77 -6.13 1.71 -2.24
C GLU B 77 -6.13 0.49 -3.19
N ASN B 78 -5.05 -0.31 -3.14
CA ASN B 78 -4.89 -1.49 -3.97
C ASN B 78 -5.40 -1.31 -5.39
N GLN B 79 -4.90 -0.27 -6.04
CA GLN B 79 -5.23 -0.01 -7.44
C GLN B 79 -4.08 0.67 -8.16
N PHE B 80 -4.10 0.60 -9.49
CA PHE B 80 -3.02 1.13 -10.33
C PHE B 80 -3.61 1.61 -11.64
N SER B 81 -2.81 2.31 -12.44
CA SER B 81 -3.37 3.01 -13.59
C SER B 81 -2.38 3.24 -14.71
N LEU B 82 -2.93 3.35 -15.92
CA LEU B 82 -2.20 3.66 -17.14
C LEU B 82 -2.69 5.02 -17.60
N LYS B 83 -1.80 5.80 -18.20
CA LYS B 83 -2.19 7.05 -18.84
C LYS B 83 -1.59 7.10 -20.24
N LEU B 84 -2.42 6.85 -21.25
CA LEU B 84 -1.98 6.84 -22.63
C LEU B 84 -2.26 8.20 -23.25
N ASN B 85 -1.24 8.79 -23.87
CA ASN B 85 -1.32 10.15 -24.40
C ASN B 85 -1.49 10.20 -25.90
N SER B 86 -1.98 11.35 -26.36
CA SER B 86 -2.02 11.68 -27.78
C SER B 86 -2.69 10.56 -28.56
N VAL B 87 -3.85 10.14 -28.08
CA VAL B 87 -4.56 9.00 -28.67
C VAL B 87 -5.11 9.37 -30.04
N THR B 88 -5.07 8.42 -30.97
CA THR B 88 -5.77 8.55 -32.25
C THR B 88 -6.84 7.45 -32.27
N VAL B 89 -7.61 7.39 -33.35
CA VAL B 89 -8.65 6.35 -33.49
C VAL B 89 -8.02 4.94 -33.46
N ALA B 90 -6.75 4.84 -33.89
CA ALA B 90 -5.95 3.62 -33.76
C ALA B 90 -6.01 3.00 -32.37
N ASP B 91 -5.95 3.84 -31.33
CA ASP B 91 -5.93 3.35 -29.94
C ASP B 91 -7.27 2.79 -29.45
N THR B 92 -8.32 2.82 -30.28
CA THR B 92 -9.59 2.17 -29.97
C THR B 92 -9.40 0.67 -29.74
N ALA B 93 -9.69 0.21 -28.53
CA ALA B 93 -9.56 -1.20 -28.17
C ALA B 93 -10.27 -1.53 -26.86
N VAL B 94 -10.30 -2.82 -26.53
CA VAL B 94 -10.67 -3.28 -25.20
C VAL B 94 -9.38 -3.28 -24.41
N TYR B 95 -9.43 -2.79 -23.18
CA TYR B 95 -8.24 -2.70 -22.35
C TYR B 95 -8.42 -3.61 -21.15
N TYR B 96 -7.50 -4.56 -21.01
CA TYR B 96 -7.48 -5.46 -19.86
C TYR B 96 -6.35 -5.04 -18.94
N CYS B 97 -6.63 -5.12 -17.63
CA CYS B 97 -5.56 -5.11 -16.65
C CYS B 97 -5.33 -6.57 -16.26
N ALA B 98 -4.08 -6.91 -15.95
CA ALA B 98 -3.70 -8.29 -15.64
C ALA B 98 -2.53 -8.36 -14.66
N ARG B 99 -2.45 -9.46 -13.91
CA ARG B 99 -1.36 -9.66 -12.98
C ARG B 99 -0.33 -10.60 -13.60
N GLY B 100 0.87 -10.08 -13.82
CA GLY B 100 2.01 -10.87 -14.29
C GLY B 100 2.79 -11.46 -13.13
N THR B 101 3.14 -12.75 -13.21
CA THR B 101 3.82 -13.46 -12.13
C THR B 101 5.26 -13.75 -12.52
N ARG B 102 6.16 -13.78 -11.54
CA ARG B 102 7.51 -14.30 -11.72
C ARG B 102 7.81 -15.41 -10.68
N LEU B 103 6.75 -16.02 -10.15
CA LEU B 103 6.81 -17.34 -9.53
C LEU B 103 7.36 -18.34 -10.53
N ARG B 104 8.05 -19.36 -10.03
CA ARG B 104 8.47 -20.48 -10.87
C ARG B 104 7.25 -21.28 -11.28
N THR B 105 7.32 -21.92 -12.46
CA THR B 105 6.17 -22.59 -13.11
C THR B 105 5.08 -21.65 -13.69
N LEU B 106 5.19 -20.35 -13.42
CA LEU B 106 4.32 -19.32 -14.04
C LEU B 106 5.11 -18.11 -14.56
N ARG B 107 6.42 -18.26 -14.72
CA ARG B 107 7.29 -17.11 -15.06
C ARG B 107 6.90 -16.44 -16.37
N ASN B 108 6.82 -15.10 -16.31
CA ASN B 108 6.45 -14.27 -17.47
C ASN B 108 5.17 -14.75 -18.16
N ALA B 109 4.15 -15.04 -17.35
CA ALA B 109 2.80 -15.29 -17.83
C ALA B 109 1.86 -14.37 -17.05
N PHE B 110 0.59 -14.33 -17.46
CA PHE B 110 -0.40 -13.41 -16.89
C PHE B 110 -1.54 -14.18 -16.27
N ASP B 111 -1.33 -14.64 -15.04
CA ASP B 111 -2.28 -15.52 -14.35
C ASP B 111 -3.68 -14.93 -14.15
N ILE B 112 -3.76 -13.73 -13.61
CA ILE B 112 -5.05 -13.10 -13.34
C ILE B 112 -5.25 -12.01 -14.39
N TRP B 113 -6.47 -11.92 -14.92
CA TRP B 113 -6.83 -10.91 -15.90
C TRP B 113 -8.05 -10.17 -15.40
N GLY B 114 -8.33 -9.05 -16.04
CA GLY B 114 -9.55 -8.30 -15.82
C GLY B 114 -10.54 -8.63 -16.92
N GLN B 115 -11.81 -8.45 -16.62
CA GLN B 115 -12.89 -8.79 -17.55
C GLN B 115 -12.89 -7.93 -18.83
N GLY B 116 -12.18 -6.80 -18.77
CA GLY B 116 -11.97 -5.93 -19.92
C GLY B 116 -12.92 -4.77 -19.87
N THR B 117 -12.49 -3.64 -20.42
CA THR B 117 -13.34 -2.46 -20.58
C THR B 117 -13.11 -1.85 -21.99
N MET B 118 -14.21 -1.54 -22.67
CA MET B 118 -14.15 -1.02 -24.04
C MET B 118 -13.89 0.49 -24.03
N VAL B 119 -12.96 0.92 -24.88
CA VAL B 119 -12.58 2.33 -24.98
C VAL B 119 -12.54 2.75 -26.46
N THR B 120 -13.30 3.80 -26.80
CA THR B 120 -13.47 4.27 -28.19
C THR B 120 -12.95 5.70 -28.39
N VAL B 121 -12.07 5.86 -29.37
CA VAL B 121 -11.54 7.18 -29.70
C VAL B 121 -12.33 7.76 -30.87
N SER B 122 -12.91 8.95 -30.69
CA SER B 122 -13.63 9.65 -31.77
C SER B 122 -13.88 11.14 -31.50
N SER B 123 -13.63 11.97 -32.52
CA SER B 123 -13.96 13.39 -32.48
C SER B 123 -15.48 13.55 -32.47
N ALA B 124 -16.11 13.03 -33.51
CA ALA B 124 -17.56 13.10 -33.77
C ALA B 124 -18.48 13.41 -32.58
N SER B 125 -19.34 14.40 -32.77
CA SER B 125 -20.52 14.60 -31.94
C SER B 125 -21.66 13.83 -32.60
N THR B 126 -22.77 13.71 -31.88
CA THR B 126 -23.92 12.96 -32.37
C THR B 126 -24.23 13.27 -33.83
N LYS B 127 -24.35 12.22 -34.64
CA LYS B 127 -24.67 12.33 -36.06
C LYS B 127 -25.68 11.26 -36.44
N GLY B 128 -26.64 11.63 -37.28
CA GLY B 128 -27.68 10.72 -37.75
C GLY B 128 -27.20 10.02 -39.00
N PRO B 129 -27.71 8.81 -39.27
CA PRO B 129 -27.17 7.97 -40.37
C PRO B 129 -27.67 8.31 -41.78
N SER B 130 -26.85 7.93 -42.76
CA SER B 130 -27.26 7.87 -44.17
C SER B 130 -27.60 6.43 -44.53
N VAL B 131 -28.87 6.17 -44.86
CA VAL B 131 -29.33 4.82 -45.13
C VAL B 131 -29.37 4.58 -46.64
N PHE B 132 -28.39 3.81 -47.13
CA PHE B 132 -28.28 3.44 -48.53
C PHE B 132 -28.74 2.00 -48.77
N PRO B 133 -29.48 1.75 -49.87
CA PRO B 133 -29.99 0.39 -50.11
C PRO B 133 -28.95 -0.52 -50.75
N LEU B 134 -29.19 -1.83 -50.67
CA LEU B 134 -28.35 -2.85 -51.31
C LEU B 134 -29.27 -3.77 -52.13
N ALA B 135 -29.32 -3.50 -53.43
CA ALA B 135 -30.31 -4.11 -54.31
C ALA B 135 -29.86 -5.45 -54.86
N PRO B 136 -30.81 -6.39 -55.03
CA PRO B 136 -30.57 -7.68 -55.65
C PRO B 136 -30.67 -7.63 -57.19
N SER B 137 -31.69 -8.26 -57.80
CA SER B 137 -31.89 -8.55 -59.26
C SER B 137 -31.52 -10.04 -59.55
N SER B 138 -31.28 -10.36 -60.83
CA SER B 138 -30.73 -11.68 -61.22
C SER B 138 -29.24 -11.59 -61.57
N LYS B 139 -28.60 -10.49 -61.14
CA LYS B 139 -27.15 -10.37 -61.11
C LYS B 139 -26.59 -11.25 -60.00
N GLY B 144 -32.69 -19.78 -56.88
CA GLY B 144 -33.92 -19.04 -56.61
C GLY B 144 -33.66 -17.86 -55.71
N THR B 145 -33.17 -18.12 -54.51
CA THR B 145 -32.79 -17.12 -53.49
C THR B 145 -32.16 -15.81 -54.01
N ALA B 146 -32.72 -14.67 -53.62
CA ALA B 146 -32.05 -13.39 -53.73
C ALA B 146 -31.64 -12.94 -52.33
N ALA B 147 -30.81 -11.91 -52.25
CA ALA B 147 -30.45 -11.31 -50.97
C ALA B 147 -30.21 -9.80 -51.12
N LEU B 148 -30.83 -9.02 -50.24
CA LEU B 148 -30.82 -7.55 -50.30
C LEU B 148 -30.59 -6.92 -48.93
N GLY B 149 -30.28 -5.62 -48.90
CA GLY B 149 -29.90 -4.98 -47.63
C GLY B 149 -29.95 -3.47 -47.50
N CYS B 150 -29.75 -3.02 -46.27
CA CYS B 150 -29.62 -1.60 -45.93
C CYS B 150 -28.24 -1.32 -45.32
N LEU B 151 -27.44 -0.50 -46.00
CA LEU B 151 -26.20 0.00 -45.44
C LEU B 151 -26.48 1.28 -44.67
N VAL B 152 -26.36 1.20 -43.34
CA VAL B 152 -26.53 2.33 -42.46
C VAL B 152 -25.16 2.91 -42.17
N LYS B 153 -24.77 3.94 -42.91
CA LYS B 153 -23.40 4.44 -42.87
C LYS B 153 -23.28 5.78 -42.13
N ASP B 154 -22.15 5.95 -41.44
CA ASP B 154 -21.73 7.24 -40.85
C ASP B 154 -22.69 7.87 -39.84
N TYR B 155 -22.71 7.30 -38.64
CA TYR B 155 -23.49 7.83 -37.54
C TYR B 155 -22.67 7.78 -36.27
N PHE B 156 -23.17 8.43 -35.23
CA PHE B 156 -22.52 8.43 -33.94
C PHE B 156 -23.48 8.96 -32.88
N PRO B 157 -23.46 8.42 -31.66
CA PRO B 157 -22.74 7.20 -31.29
C PRO B 157 -23.64 5.99 -31.59
N GLU B 158 -23.30 4.82 -31.07
CA GLU B 158 -24.22 3.67 -31.15
C GLU B 158 -25.21 3.72 -29.99
N PRO B 159 -26.36 3.03 -30.08
CA PRO B 159 -26.69 2.01 -31.08
C PRO B 159 -27.62 2.46 -32.22
N VAL B 160 -27.72 1.61 -33.24
CA VAL B 160 -28.68 1.75 -34.33
C VAL B 160 -29.53 0.49 -34.39
N THR B 161 -30.82 0.64 -34.73
CA THR B 161 -31.75 -0.49 -34.81
C THR B 161 -32.36 -0.57 -36.19
N VAL B 162 -32.36 -1.77 -36.76
CA VAL B 162 -33.02 -2.01 -38.03
C VAL B 162 -34.11 -3.04 -37.81
N SER B 163 -35.12 -2.99 -38.67
CA SER B 163 -36.16 -4.01 -38.72
C SER B 163 -36.85 -3.89 -40.06
N TRP B 164 -37.17 -5.02 -40.68
CA TRP B 164 -37.69 -5.01 -42.05
C TRP B 164 -39.22 -5.11 -42.10
N ASN B 165 -39.84 -4.23 -42.89
CA ASN B 165 -41.29 -4.15 -43.02
C ASN B 165 -42.01 -4.09 -41.69
N SER B 166 -41.60 -3.12 -40.87
CA SER B 166 -42.23 -2.80 -39.58
C SER B 166 -42.30 -4.00 -38.62
N GLY B 167 -41.30 -4.89 -38.69
CA GLY B 167 -41.27 -6.09 -37.85
C GLY B 167 -42.01 -7.33 -38.33
N ALA B 168 -42.75 -7.22 -39.44
CA ALA B 168 -43.48 -8.36 -39.99
C ALA B 168 -42.49 -9.37 -40.55
N LEU B 169 -41.58 -8.87 -41.39
CA LEU B 169 -40.51 -9.68 -41.96
C LEU B 169 -39.38 -9.89 -40.95
N THR B 170 -39.35 -11.07 -40.32
CA THR B 170 -38.29 -11.46 -39.38
C THR B 170 -37.42 -12.62 -39.87
N SER B 171 -37.99 -13.50 -40.72
CA SER B 171 -37.30 -14.71 -41.15
C SER B 171 -36.32 -14.38 -42.27
N GLY B 172 -35.10 -14.89 -42.13
CA GLY B 172 -34.04 -14.68 -43.10
C GLY B 172 -33.26 -13.40 -42.85
N VAL B 173 -33.54 -12.72 -41.74
CA VAL B 173 -32.98 -11.40 -41.46
C VAL B 173 -31.74 -11.54 -40.58
N HIS B 174 -30.75 -10.70 -40.81
CA HIS B 174 -29.53 -10.68 -39.99
C HIS B 174 -28.98 -9.27 -39.97
N THR B 175 -28.73 -8.73 -38.78
CA THR B 175 -28.11 -7.43 -38.66
C THR B 175 -26.72 -7.61 -38.13
N PHE B 176 -25.78 -6.91 -38.72
CA PHE B 176 -24.39 -7.04 -38.34
C PHE B 176 -24.00 -6.15 -37.18
N PRO B 177 -22.96 -6.57 -36.43
CA PRO B 177 -22.21 -5.68 -35.56
C PRO B 177 -21.78 -4.40 -36.28
N ALA B 178 -21.86 -3.28 -35.56
CA ALA B 178 -21.44 -2.01 -36.11
C ALA B 178 -19.93 -1.96 -36.19
N VAL B 179 -19.42 -1.05 -37.01
CA VAL B 179 -18.02 -1.05 -37.40
C VAL B 179 -17.48 0.38 -37.50
N LEU B 180 -16.47 0.67 -36.66
CA LEU B 180 -15.95 2.03 -36.49
C LEU B 180 -14.89 2.37 -37.53
N GLN B 181 -15.21 3.34 -38.38
CA GLN B 181 -14.27 3.80 -39.41
C GLN B 181 -13.22 4.71 -38.81
N SER B 182 -12.12 4.90 -39.54
CA SER B 182 -11.00 5.71 -39.05
C SER B 182 -11.43 7.17 -38.85
N SER B 183 -12.44 7.59 -39.62
CA SER B 183 -13.16 8.84 -39.40
C SER B 183 -13.57 9.06 -37.93
N GLY B 184 -14.03 8.00 -37.29
CA GLY B 184 -14.62 8.06 -35.97
C GLY B 184 -16.13 7.82 -36.00
N LEU B 185 -16.66 7.45 -37.18
CA LEU B 185 -18.08 7.14 -37.35
C LEU B 185 -18.35 5.64 -37.54
N TYR B 186 -19.50 5.23 -37.02
CA TYR B 186 -19.98 3.86 -37.11
C TYR B 186 -20.63 3.64 -38.47
N SER B 187 -20.84 2.36 -38.78
CA SER B 187 -21.47 1.91 -40.02
C SER B 187 -21.84 0.44 -39.87
N LEU B 188 -23.06 0.07 -40.27
CA LEU B 188 -23.49 -1.33 -40.22
C LEU B 188 -24.39 -1.71 -41.39
N SER B 189 -24.65 -3.01 -41.50
CA SER B 189 -25.54 -3.55 -42.52
C SER B 189 -26.62 -4.42 -41.90
N SER B 190 -27.77 -4.41 -42.55
CA SER B 190 -28.86 -5.33 -42.26
C SER B 190 -29.20 -5.99 -43.58
N VAL B 191 -29.53 -7.28 -43.56
CA VAL B 191 -29.74 -8.02 -44.79
C VAL B 191 -30.77 -9.13 -44.57
N VAL B 192 -31.55 -9.40 -45.60
CA VAL B 192 -32.51 -10.49 -45.56
C VAL B 192 -32.49 -11.24 -46.88
N THR B 193 -32.61 -12.58 -46.81
CA THR B 193 -32.69 -13.41 -48.01
C THR B 193 -34.15 -13.72 -48.28
N VAL B 194 -34.53 -13.79 -49.57
CA VAL B 194 -35.94 -13.88 -49.94
C VAL B 194 -36.21 -14.73 -51.18
N PRO B 195 -37.43 -15.28 -51.28
CA PRO B 195 -37.97 -15.77 -52.54
C PRO B 195 -37.95 -14.68 -53.61
N SER B 196 -37.00 -14.78 -54.54
CA SER B 196 -36.96 -13.87 -55.68
C SER B 196 -38.22 -13.99 -56.54
N SER B 197 -38.97 -15.07 -56.32
CA SER B 197 -40.40 -15.17 -56.66
C SER B 197 -41.14 -13.84 -56.56
N SER B 198 -40.76 -13.02 -55.58
CA SER B 198 -41.44 -11.76 -55.29
C SER B 198 -40.46 -10.59 -55.15
N LEU B 199 -39.88 -10.14 -56.26
CA LEU B 199 -39.02 -8.95 -56.29
C LEU B 199 -39.65 -7.78 -57.02
N GLY B 200 -40.38 -8.07 -58.10
CA GLY B 200 -41.22 -7.06 -58.73
C GLY B 200 -42.54 -6.85 -58.00
N THR B 201 -42.80 -7.70 -57.00
CA THR B 201 -44.13 -7.86 -56.44
C THR B 201 -44.18 -7.46 -54.96
N GLN B 202 -43.39 -8.13 -54.12
CA GLN B 202 -43.34 -7.85 -52.67
C GLN B 202 -42.40 -6.67 -52.38
N THR B 203 -42.89 -5.68 -51.64
CA THR B 203 -42.12 -4.50 -51.30
C THR B 203 -41.40 -4.76 -49.98
N TYR B 204 -40.19 -4.20 -49.86
CA TYR B 204 -39.30 -4.48 -48.74
C TYR B 204 -38.72 -3.19 -48.24
N ILE B 205 -38.87 -2.91 -46.95
CA ILE B 205 -38.40 -1.66 -46.36
C ILE B 205 -37.67 -1.93 -45.04
N CYS B 206 -36.50 -1.33 -44.87
CA CYS B 206 -35.78 -1.42 -43.61
C CYS B 206 -36.07 -0.19 -42.75
N ASN B 207 -36.26 -0.42 -41.46
CA ASN B 207 -36.62 0.62 -40.53
C ASN B 207 -35.45 0.91 -39.61
N VAL B 208 -34.59 1.83 -40.04
CA VAL B 208 -33.46 2.27 -39.25
C VAL B 208 -33.95 3.19 -38.13
N ASN B 209 -33.28 3.14 -36.99
CA ASN B 209 -33.69 3.88 -35.81
C ASN B 209 -32.45 4.27 -35.01
N HIS B 210 -32.15 5.56 -34.93
CA HIS B 210 -31.00 6.06 -34.17
C HIS B 210 -31.44 7.03 -33.07
N LYS B 211 -31.73 6.50 -31.88
CA LYS B 211 -32.26 7.29 -30.73
C LYS B 211 -31.36 8.45 -30.31
N PRO B 212 -30.02 8.24 -30.30
CA PRO B 212 -29.12 9.35 -29.96
C PRO B 212 -29.38 10.66 -30.71
N SER B 213 -29.54 10.61 -32.04
CA SER B 213 -29.86 11.79 -32.84
C SER B 213 -31.37 11.96 -33.09
N ASN B 214 -32.18 11.09 -32.48
CA ASN B 214 -33.64 11.10 -32.62
C ASN B 214 -34.10 11.06 -34.08
N THR B 215 -33.39 10.24 -34.85
CA THR B 215 -33.62 10.06 -36.27
C THR B 215 -34.20 8.66 -36.48
N LYS B 216 -35.08 8.55 -37.47
CA LYS B 216 -35.66 7.28 -37.89
C LYS B 216 -35.76 7.35 -39.40
N VAL B 217 -35.07 6.45 -40.08
CA VAL B 217 -35.08 6.40 -41.54
C VAL B 217 -35.70 5.08 -41.98
N ASP B 218 -36.57 5.13 -42.99
CA ASP B 218 -37.20 3.94 -43.56
C ASP B 218 -36.91 3.89 -45.06
N LYS B 219 -36.05 2.95 -45.46
CA LYS B 219 -35.54 2.93 -46.83
C LYS B 219 -36.19 1.85 -47.67
N ARG B 220 -36.72 2.24 -48.84
CA ARG B 220 -37.23 1.28 -49.82
C ARG B 220 -36.07 0.57 -50.49
N VAL B 221 -36.20 -0.74 -50.62
CA VAL B 221 -35.23 -1.56 -51.33
C VAL B 221 -35.98 -2.34 -52.41
N GLU B 222 -35.57 -2.13 -53.66
CA GLU B 222 -36.23 -2.79 -54.78
C GLU B 222 -35.22 -3.02 -55.92
N PRO B 223 -35.58 -3.80 -56.95
CA PRO B 223 -34.55 -4.38 -57.83
C PRO B 223 -33.73 -3.41 -58.71
N LYS B 224 -32.87 -4.00 -59.55
CA LYS B 224 -32.20 -3.29 -60.63
C LYS B 224 -31.73 -1.89 -60.19
N VAL C 1 2.87 -10.25 -34.22
CA VAL C 1 4.34 -10.54 -34.14
C VAL C 1 4.63 -12.05 -33.94
N LEU C 2 3.73 -12.77 -33.26
CA LEU C 2 3.68 -14.23 -33.39
C LEU C 2 2.59 -14.58 -34.38
N THR C 3 2.66 -15.80 -34.89
CA THR C 3 1.80 -16.21 -35.99
C THR C 3 1.04 -17.47 -35.63
N GLN C 4 -0.28 -17.34 -35.58
CA GLN C 4 -1.17 -18.46 -35.41
C GLN C 4 -2.05 -18.60 -36.64
N PRO C 5 -2.66 -19.79 -36.84
CA PRO C 5 -3.69 -19.92 -37.84
C PRO C 5 -5.02 -19.39 -37.30
N PRO C 6 -5.86 -18.82 -38.18
CA PRO C 6 -7.12 -18.23 -37.72
C PRO C 6 -8.08 -19.23 -37.08
N SER C 7 -8.39 -20.32 -37.76
CA SER C 7 -9.29 -21.34 -37.21
C SER C 7 -8.55 -22.62 -36.91
N ALA C 8 -9.21 -23.46 -36.12
CA ALA C 8 -8.75 -24.81 -35.83
C ALA C 8 -9.96 -25.57 -35.31
N SER C 9 -10.31 -26.68 -35.94
CA SER C 9 -11.55 -27.35 -35.61
C SER C 9 -11.34 -28.82 -35.33
N GLY C 10 -12.26 -29.38 -34.55
CA GLY C 10 -12.33 -30.81 -34.30
C GLY C 10 -13.71 -31.15 -33.73
N SER C 11 -14.12 -32.40 -33.91
CA SER C 11 -15.39 -32.90 -33.35
C SER C 11 -15.18 -33.42 -31.93
N PRO C 12 -16.28 -33.58 -31.14
CA PRO C 12 -16.15 -34.08 -29.76
C PRO C 12 -15.37 -35.40 -29.63
N GLY C 13 -14.41 -35.43 -28.71
CA GLY C 13 -13.56 -36.60 -28.51
C GLY C 13 -12.18 -36.47 -29.14
N GLN C 14 -12.07 -35.81 -30.28
CA GLN C 14 -10.80 -35.76 -31.04
C GLN C 14 -9.72 -34.92 -30.35
N SER C 15 -8.49 -35.00 -30.87
CA SER C 15 -7.37 -34.20 -30.37
C SER C 15 -6.94 -33.15 -31.39
N VAL C 16 -6.70 -31.93 -30.91
CA VAL C 16 -6.38 -30.77 -31.76
C VAL C 16 -5.10 -30.07 -31.30
N THR C 17 -4.34 -29.59 -32.27
CA THR C 17 -3.03 -28.98 -32.06
C THR C 17 -3.00 -27.60 -32.73
N ILE C 18 -2.36 -26.63 -32.08
CA ILE C 18 -2.35 -25.25 -32.55
C ILE C 18 -0.92 -24.71 -32.57
N SER C 19 -0.47 -24.24 -33.74
CA SER C 19 0.86 -23.67 -33.89
C SER C 19 0.92 -22.23 -33.40
N CYS C 20 2.14 -21.72 -33.27
CA CYS C 20 2.39 -20.36 -32.80
C CYS C 20 3.83 -20.03 -33.14
N THR C 21 4.05 -19.49 -34.34
CA THR C 21 5.39 -19.33 -34.88
C THR C 21 6.04 -18.00 -34.49
N GLY C 22 7.28 -18.08 -34.01
CA GLY C 22 8.04 -16.90 -33.56
C GLY C 22 9.39 -16.85 -34.24
N THR C 23 10.32 -16.11 -33.64
CA THR C 23 11.68 -16.01 -34.14
C THR C 23 12.59 -16.48 -33.02
N SER C 24 13.87 -16.60 -33.35
CA SER C 24 14.87 -17.11 -32.40
C SER C 24 15.05 -16.25 -31.16
N SER C 25 14.64 -14.99 -31.21
CA SER C 25 14.68 -14.09 -30.07
C SER C 25 13.34 -14.02 -29.31
N ASP C 26 12.26 -14.48 -29.93
CA ASP C 26 10.94 -14.56 -29.26
C ASP C 26 10.83 -15.94 -28.60
N VAL C 27 10.14 -16.88 -29.25
CA VAL C 27 10.12 -18.28 -28.84
C VAL C 27 11.50 -18.81 -29.23
N GLY C 28 11.89 -19.98 -28.74
CA GLY C 28 13.20 -20.53 -29.10
C GLY C 28 14.39 -19.73 -28.59
N GLY C 29 14.14 -18.53 -28.08
CA GLY C 29 15.11 -17.79 -27.27
C GLY C 29 14.79 -17.81 -25.79
N TYR C 30 13.54 -18.17 -25.44
CA TYR C 30 13.10 -18.21 -24.05
C TYR C 30 12.10 -19.33 -23.85
N ASN C 31 12.09 -19.93 -22.66
CA ASN C 31 11.08 -20.91 -22.26
C ASN C 31 9.98 -20.25 -21.42
N TYR C 32 9.43 -19.15 -21.93
CA TYR C 32 8.41 -18.40 -21.21
C TYR C 32 7.15 -18.24 -22.07
N VAL C 33 6.92 -19.22 -22.93
CA VAL C 33 5.72 -19.24 -23.75
C VAL C 33 4.52 -19.54 -22.88
N SER C 34 3.43 -18.80 -23.12
CA SER C 34 2.20 -18.95 -22.36
C SER C 34 1.05 -19.14 -23.34
N TRP C 35 -0.07 -19.68 -22.84
CA TRP C 35 -1.28 -19.84 -23.64
C TRP C 35 -2.48 -19.35 -22.83
N TYR C 36 -3.38 -18.64 -23.50
CA TYR C 36 -4.55 -18.06 -22.82
C TYR C 36 -5.83 -18.43 -23.56
N GLN C 37 -6.81 -18.90 -22.79
CA GLN C 37 -8.11 -19.25 -23.30
C GLN C 37 -9.02 -18.07 -23.06
N HIS C 38 -9.66 -17.57 -24.12
CA HIS C 38 -10.54 -16.41 -24.03
C HIS C 38 -11.94 -16.71 -24.55
N HIS C 39 -12.87 -16.98 -23.63
CA HIS C 39 -14.27 -17.00 -23.99
C HIS C 39 -14.72 -15.53 -24.12
N PRO C 40 -15.66 -15.24 -25.05
CA PRO C 40 -16.12 -13.87 -25.30
C PRO C 40 -16.58 -13.16 -24.05
N GLY C 41 -16.58 -11.83 -24.08
CA GLY C 41 -17.02 -10.98 -22.97
C GLY C 41 -16.65 -11.42 -21.55
N LYS C 42 -15.57 -12.20 -21.43
CA LYS C 42 -15.16 -12.77 -20.15
C LYS C 42 -13.66 -12.57 -20.04
N ALA C 43 -13.14 -12.67 -18.82
CA ALA C 43 -11.71 -12.50 -18.56
C ALA C 43 -10.93 -13.71 -19.07
N PRO C 44 -9.87 -13.48 -19.89
CA PRO C 44 -9.00 -14.56 -20.36
C PRO C 44 -8.42 -15.42 -19.24
N LYS C 45 -8.39 -16.74 -19.45
CA LYS C 45 -7.80 -17.69 -18.51
C LYS C 45 -6.44 -18.09 -19.01
N LEU C 46 -5.44 -18.05 -18.13
CA LEU C 46 -4.15 -18.64 -18.42
C LEU C 46 -4.26 -20.16 -18.25
N ILE C 47 -3.79 -20.91 -19.24
CA ILE C 47 -3.91 -22.38 -19.25
C ILE C 47 -2.58 -23.13 -19.37
N ILE C 48 -1.59 -22.53 -20.03
CA ILE C 48 -0.25 -23.11 -20.11
C ILE C 48 0.76 -22.00 -19.85
N SER C 49 1.75 -22.31 -19.02
CA SER C 49 2.78 -21.37 -18.65
C SER C 49 4.12 -22.06 -18.77
N GLU C 50 5.18 -21.26 -18.92
CA GLU C 50 6.53 -21.79 -19.13
C GLU C 50 6.54 -23.01 -20.05
N VAL C 51 6.06 -22.80 -21.27
CA VAL C 51 6.09 -23.79 -22.37
C VAL C 51 5.09 -24.95 -22.25
N ASN C 52 5.05 -25.64 -21.11
CA ASN C 52 4.21 -26.84 -20.97
C ASN C 52 3.79 -27.11 -19.51
N ASN C 53 3.34 -26.08 -18.82
CA ASN C 53 3.02 -26.20 -17.40
C ASN C 53 1.57 -25.80 -17.09
N ARG C 54 0.77 -26.78 -16.71
CA ARG C 54 -0.66 -26.57 -16.44
C ARG C 54 -0.77 -25.96 -15.04
N PRO C 55 -1.33 -24.74 -14.92
CA PRO C 55 -1.67 -24.21 -13.57
C PRO C 55 -2.67 -25.08 -12.85
N SER C 56 -2.85 -24.86 -11.55
CA SER C 56 -3.83 -25.60 -10.76
C SER C 56 -5.25 -25.36 -11.30
N GLY C 57 -6.05 -26.42 -11.33
CA GLY C 57 -7.40 -26.36 -11.88
C GLY C 57 -7.51 -26.34 -13.41
N VAL C 58 -6.40 -26.54 -14.12
CA VAL C 58 -6.41 -26.65 -15.58
C VAL C 58 -6.28 -28.12 -15.97
N PRO C 59 -7.28 -28.69 -16.67
CA PRO C 59 -7.35 -30.13 -16.96
C PRO C 59 -6.13 -30.78 -17.66
N ASP C 60 -5.74 -31.95 -17.16
CA ASP C 60 -4.80 -32.92 -17.78
C ASP C 60 -4.61 -32.97 -19.31
N ARG C 61 -5.59 -32.49 -20.06
CA ARG C 61 -5.69 -32.69 -21.51
C ARG C 61 -5.14 -31.56 -22.38
N PHE C 62 -4.96 -30.39 -21.76
CA PHE C 62 -4.28 -29.27 -22.39
C PHE C 62 -2.80 -29.52 -22.21
N SER C 63 -2.00 -29.29 -23.24
CA SER C 63 -0.56 -29.48 -23.12
C SER C 63 0.18 -28.58 -24.09
N GLY C 64 1.34 -28.10 -23.67
CA GLY C 64 2.15 -27.20 -24.46
C GLY C 64 3.37 -27.91 -24.99
N SER C 65 4.12 -27.22 -25.84
CA SER C 65 5.37 -27.72 -26.41
C SER C 65 5.98 -26.63 -27.26
N LYS C 66 7.25 -26.80 -27.64
CA LYS C 66 7.80 -26.09 -28.78
C LYS C 66 8.90 -26.89 -29.46
N SER C 67 8.94 -26.81 -30.78
CA SER C 67 9.88 -27.60 -31.57
C SER C 67 11.18 -26.82 -31.73
N GLY C 68 11.10 -25.66 -32.35
CA GLY C 68 12.25 -24.81 -32.59
C GLY C 68 11.81 -23.43 -32.19
N ASN C 69 11.27 -22.70 -33.16
CA ASN C 69 10.64 -21.39 -32.92
C ASN C 69 9.11 -21.45 -33.02
N THR C 70 8.56 -22.65 -33.04
CA THR C 70 7.12 -22.84 -33.19
C THR C 70 6.62 -23.59 -31.98
N ALA C 71 6.05 -22.83 -31.05
CA ALA C 71 5.35 -23.42 -29.93
C ALA C 71 4.05 -24.04 -30.42
N SER C 72 3.45 -24.86 -29.57
CA SER C 72 2.28 -25.61 -29.94
C SER C 72 1.46 -26.02 -28.73
N LEU C 73 0.14 -25.90 -28.82
CA LEU C 73 -0.77 -26.30 -27.73
C LEU C 73 -1.71 -27.40 -28.20
N THR C 74 -1.84 -28.45 -27.40
CA THR C 74 -2.65 -29.59 -27.76
C THR C 74 -3.81 -29.73 -26.79
N VAL C 75 -4.98 -30.05 -27.31
CA VAL C 75 -6.14 -30.37 -26.49
C VAL C 75 -6.60 -31.80 -26.80
N SER C 76 -6.35 -32.70 -25.85
CA SER C 76 -6.74 -34.11 -26.05
C SER C 76 -8.13 -34.40 -25.49
N GLY C 77 -9.05 -34.79 -26.38
CA GLY C 77 -10.39 -35.18 -25.95
C GLY C 77 -11.25 -33.95 -25.79
N LEU C 78 -11.78 -33.47 -26.90
CA LEU C 78 -12.60 -32.27 -26.91
C LEU C 78 -13.94 -32.44 -26.20
N GLN C 79 -14.41 -31.34 -25.62
CA GLN C 79 -15.75 -31.23 -25.08
C GLN C 79 -16.30 -29.85 -25.43
N ALA C 80 -17.61 -29.69 -25.30
CA ALA C 80 -18.30 -28.45 -25.69
C ALA C 80 -17.71 -27.19 -25.05
N GLU C 81 -17.22 -27.30 -23.82
CA GLU C 81 -16.71 -26.15 -23.06
C GLU C 81 -15.37 -25.65 -23.58
N ASP C 82 -14.71 -26.42 -24.45
CA ASP C 82 -13.43 -26.04 -25.04
C ASP C 82 -13.57 -25.08 -26.23
N GLU C 83 -14.76 -24.98 -26.82
CA GLU C 83 -14.98 -24.02 -27.93
C GLU C 83 -14.78 -22.56 -27.46
N ALA C 84 -13.67 -21.97 -27.91
CA ALA C 84 -13.27 -20.61 -27.53
C ALA C 84 -12.16 -20.11 -28.45
N GLU C 85 -11.55 -18.97 -28.11
CA GLU C 85 -10.41 -18.44 -28.85
C GLU C 85 -9.13 -18.46 -27.99
N TYR C 86 -8.03 -18.92 -28.60
CA TYR C 86 -6.80 -19.22 -27.88
C TYR C 86 -5.64 -18.37 -28.40
N TYR C 87 -4.90 -17.76 -27.49
CA TYR C 87 -3.75 -16.94 -27.83
C TYR C 87 -2.53 -17.54 -27.19
N CYS C 88 -1.37 -17.22 -27.74
CA CYS C 88 -0.08 -17.57 -27.16
C CYS C 88 0.72 -16.30 -26.99
N SER C 89 1.52 -16.23 -25.94
CA SER C 89 2.44 -15.13 -25.75
C SER C 89 3.80 -15.68 -25.41
N SER C 90 4.85 -14.92 -25.71
CA SER C 90 6.21 -15.28 -25.33
C SER C 90 6.97 -14.06 -24.84
N TYR C 91 7.71 -14.22 -23.75
CA TYR C 91 8.65 -13.20 -23.28
C TYR C 91 9.67 -12.95 -24.38
N THR C 92 10.24 -11.76 -24.40
CA THR C 92 11.21 -11.38 -25.43
C THR C 92 12.06 -10.19 -25.02
N ASP C 93 13.37 -10.39 -24.90
CA ASP C 93 14.32 -9.33 -24.50
C ASP C 93 14.11 -8.88 -23.06
N ILE C 94 15.01 -8.04 -22.60
CA ILE C 94 14.81 -7.31 -21.34
C ILE C 94 13.36 -6.83 -21.31
N HIS C 95 12.55 -7.45 -20.45
CA HIS C 95 11.15 -7.11 -20.21
C HIS C 95 10.34 -6.68 -21.42
N ASN C 96 9.95 -7.63 -22.26
CA ASN C 96 8.98 -7.33 -23.31
C ASN C 96 8.22 -8.59 -23.69
N PHE C 97 7.03 -8.42 -24.29
CA PHE C 97 6.14 -9.52 -24.63
C PHE C 97 5.55 -9.38 -26.03
N VAL C 98 5.25 -10.53 -26.64
CA VAL C 98 4.59 -10.59 -27.95
C VAL C 98 3.47 -11.62 -27.91
N PHE C 99 2.45 -11.41 -28.74
CA PHE C 99 1.29 -12.30 -28.80
C PHE C 99 1.07 -12.77 -30.23
N GLY C 100 0.22 -13.78 -30.35
CA GLY C 100 -0.29 -14.23 -31.65
C GLY C 100 -1.61 -13.56 -31.93
N GLY C 101 -2.07 -13.72 -33.17
CA GLY C 101 -3.33 -13.14 -33.63
C GLY C 101 -4.57 -13.76 -32.99
N GLY C 102 -4.44 -14.98 -32.50
CA GLY C 102 -5.57 -15.69 -31.89
C GLY C 102 -6.02 -16.78 -32.84
N THR C 103 -6.53 -17.86 -32.26
CA THR C 103 -7.00 -19.01 -33.04
C THR C 103 -8.37 -19.43 -32.52
N LYS C 104 -9.35 -19.47 -33.42
CA LYS C 104 -10.70 -19.89 -33.10
C LYS C 104 -10.81 -21.42 -33.10
N LEU C 105 -10.86 -22.00 -31.90
CA LEU C 105 -11.11 -23.43 -31.77
C LEU C 105 -12.61 -23.69 -31.77
N THR C 106 -13.10 -24.23 -32.89
CA THR C 106 -14.52 -24.57 -33.01
C THR C 106 -14.68 -26.07 -32.78
N VAL C 107 -15.48 -26.42 -31.78
CA VAL C 107 -15.85 -27.81 -31.54
C VAL C 107 -17.11 -28.11 -32.36
N LEU C 108 -16.93 -28.87 -33.44
CA LEU C 108 -17.95 -29.02 -34.49
C LEU C 108 -19.25 -29.59 -33.94
N GLY C 109 -20.33 -28.84 -34.08
CA GLY C 109 -21.67 -29.28 -33.67
C GLY C 109 -22.61 -29.49 -34.84
N GLN C 110 -22.12 -29.24 -36.06
CA GLN C 110 -22.93 -29.33 -37.27
C GLN C 110 -22.05 -29.38 -38.52
N PRO C 111 -22.59 -29.82 -39.65
CA PRO C 111 -21.86 -29.82 -40.91
C PRO C 111 -21.15 -28.51 -41.23
N LYS C 112 -19.89 -28.61 -41.65
CA LYS C 112 -19.17 -27.46 -42.16
C LYS C 112 -19.84 -26.94 -43.43
N ALA C 113 -19.79 -25.63 -43.62
CA ALA C 113 -20.33 -25.00 -44.81
C ALA C 113 -19.34 -23.96 -45.26
N ALA C 114 -19.05 -23.92 -46.57
CA ALA C 114 -18.20 -22.88 -47.13
C ALA C 114 -18.99 -21.58 -47.19
N PRO C 115 -18.31 -20.43 -47.15
CA PRO C 115 -19.02 -19.15 -47.18
C PRO C 115 -19.68 -18.86 -48.50
N SER C 116 -20.87 -18.25 -48.43
CA SER C 116 -21.56 -17.65 -49.59
C SER C 116 -21.15 -16.18 -49.66
N VAL C 117 -20.52 -15.79 -50.77
CA VAL C 117 -20.02 -14.44 -50.93
C VAL C 117 -20.94 -13.68 -51.86
N THR C 118 -21.60 -12.66 -51.33
CA THR C 118 -22.32 -11.68 -52.13
C THR C 118 -21.62 -10.35 -51.95
N LEU C 119 -21.32 -9.68 -53.06
CA LEU C 119 -20.54 -8.45 -53.04
C LEU C 119 -21.33 -7.35 -53.73
N PHE C 120 -22.01 -6.53 -52.92
CA PHE C 120 -22.83 -5.42 -53.42
C PHE C 120 -21.97 -4.26 -53.88
N PRO C 121 -22.27 -3.72 -55.08
CA PRO C 121 -21.61 -2.48 -55.51
C PRO C 121 -22.28 -1.26 -54.86
N PRO C 122 -21.62 -0.09 -54.92
CA PRO C 122 -22.22 1.15 -54.41
C PRO C 122 -23.57 1.43 -55.05
N SER C 123 -24.54 1.81 -54.24
CA SER C 123 -25.90 2.10 -54.73
C SER C 123 -25.89 3.36 -55.57
N SER C 124 -26.96 3.57 -56.33
CA SER C 124 -27.11 4.81 -57.09
C SER C 124 -27.12 5.98 -56.09
N GLU C 125 -28.05 5.92 -55.15
CA GLU C 125 -28.24 6.92 -54.10
C GLU C 125 -26.94 7.40 -53.47
N GLU C 126 -26.05 6.46 -53.13
CA GLU C 126 -24.78 6.81 -52.50
C GLU C 126 -23.84 7.49 -53.49
N LEU C 127 -23.77 6.96 -54.72
CA LEU C 127 -22.92 7.53 -55.77
C LEU C 127 -23.33 8.97 -56.10
N GLN C 128 -24.63 9.16 -56.33
CA GLN C 128 -25.23 10.48 -56.51
C GLN C 128 -24.98 11.43 -55.34
N ALA C 129 -24.73 10.87 -54.16
CA ALA C 129 -24.36 11.63 -52.97
C ALA C 129 -22.84 11.65 -52.73
N ASN C 130 -22.05 11.66 -53.80
CA ASN C 130 -20.58 11.73 -53.70
C ASN C 130 -19.85 10.49 -53.17
N LYS C 131 -20.43 9.66 -52.31
CA LYS C 131 -19.62 8.59 -51.70
C LYS C 131 -19.94 7.22 -52.30
N ALA C 132 -19.07 6.25 -51.99
CA ALA C 132 -19.16 4.87 -52.53
C ALA C 132 -18.53 3.85 -51.58
N THR C 133 -19.29 2.79 -51.28
CA THR C 133 -18.82 1.72 -50.41
C THR C 133 -19.20 0.38 -50.98
N LEU C 134 -18.20 -0.51 -50.99
CA LEU C 134 -18.37 -1.89 -51.41
C LEU C 134 -18.61 -2.75 -50.18
N VAL C 135 -19.70 -3.50 -50.21
CA VAL C 135 -20.11 -4.33 -49.08
C VAL C 135 -19.96 -5.81 -49.42
N CYS C 136 -18.98 -6.45 -48.79
CA CYS C 136 -18.85 -7.90 -48.87
C CYS C 136 -19.74 -8.53 -47.80
N LEU C 137 -20.64 -9.40 -48.24
CA LEU C 137 -21.49 -10.17 -47.35
C LEU C 137 -21.06 -11.63 -47.37
N ILE C 138 -20.73 -12.16 -46.21
CA ILE C 138 -20.28 -13.54 -46.10
C ILE C 138 -21.31 -14.26 -45.25
N SER C 139 -21.89 -15.33 -45.79
CA SER C 139 -23.06 -15.94 -45.17
C SER C 139 -23.09 -17.46 -45.28
N ASP C 140 -23.72 -18.08 -44.28
CA ASP C 140 -23.97 -19.52 -44.24
C ASP C 140 -22.67 -20.31 -44.29
N PHE C 141 -21.80 -20.08 -43.31
CA PHE C 141 -20.57 -20.86 -43.21
C PHE C 141 -20.36 -21.40 -41.81
N TYR C 142 -19.50 -22.41 -41.71
CA TYR C 142 -19.17 -23.06 -40.44
C TYR C 142 -17.88 -23.83 -40.65
N PRO C 143 -16.90 -23.76 -39.74
CA PRO C 143 -16.84 -22.93 -38.53
C PRO C 143 -16.85 -21.42 -38.76
N GLY C 144 -17.16 -20.67 -37.70
CA GLY C 144 -17.24 -19.22 -37.73
C GLY C 144 -15.90 -18.53 -37.53
N ALA C 145 -15.05 -18.58 -38.56
CA ALA C 145 -13.70 -18.02 -38.48
C ALA C 145 -13.14 -17.86 -39.88
N VAL C 146 -13.14 -16.62 -40.37
CA VAL C 146 -12.77 -16.30 -41.74
C VAL C 146 -11.78 -15.15 -41.78
N THR C 147 -11.33 -14.83 -42.99
CA THR C 147 -10.38 -13.76 -43.23
C THR C 147 -10.66 -13.15 -44.61
N VAL C 148 -10.81 -11.83 -44.66
CA VAL C 148 -11.12 -11.12 -45.91
C VAL C 148 -9.94 -10.27 -46.39
N ALA C 149 -9.84 -10.10 -47.69
CA ALA C 149 -8.91 -9.17 -48.30
C ALA C 149 -9.60 -8.56 -49.50
N TRP C 150 -9.16 -7.37 -49.88
CA TRP C 150 -9.76 -6.68 -51.00
C TRP C 150 -8.72 -6.49 -52.07
N LYS C 151 -9.17 -6.33 -53.32
CA LYS C 151 -8.28 -6.08 -54.44
C LYS C 151 -8.87 -5.11 -55.45
N ALA C 152 -8.07 -4.11 -55.83
CA ALA C 152 -8.41 -3.17 -56.89
C ALA C 152 -7.74 -3.67 -58.15
N ASP C 153 -8.50 -3.79 -59.24
CA ASP C 153 -8.08 -4.58 -60.40
C ASP C 153 -7.67 -5.95 -59.87
N SER C 154 -6.37 -6.24 -59.78
CA SER C 154 -5.87 -7.47 -59.18
C SER C 154 -4.74 -7.15 -58.21
N SER C 155 -4.82 -5.99 -57.57
CA SER C 155 -3.81 -5.53 -56.62
C SER C 155 -4.43 -5.46 -55.24
N PRO C 156 -3.72 -5.98 -54.21
CA PRO C 156 -4.28 -6.06 -52.85
C PRO C 156 -4.47 -4.69 -52.18
N VAL C 157 -5.46 -4.62 -51.29
CA VAL C 157 -5.85 -3.38 -50.63
C VAL C 157 -6.01 -3.60 -49.13
N LYS C 158 -5.61 -2.61 -48.35
CA LYS C 158 -6.08 -2.43 -46.97
C LYS C 158 -6.37 -0.98 -46.54
N ALA C 159 -6.19 -0.02 -47.45
CA ALA C 159 -6.56 1.36 -47.18
C ALA C 159 -8.08 1.46 -47.31
N GLY C 160 -8.74 1.87 -46.23
CA GLY C 160 -10.19 2.10 -46.22
C GLY C 160 -11.02 0.84 -46.03
N VAL C 161 -10.56 -0.03 -45.12
CA VAL C 161 -11.20 -1.33 -44.89
C VAL C 161 -11.54 -1.56 -43.42
N GLU C 162 -12.76 -2.05 -43.20
CA GLU C 162 -13.25 -2.45 -41.89
C GLU C 162 -14.07 -3.73 -42.00
N THR C 163 -14.02 -4.58 -40.95
CA THR C 163 -14.62 -5.92 -41.00
C THR C 163 -15.28 -6.35 -39.69
N THR C 164 -16.43 -7.01 -39.82
CA THR C 164 -17.14 -7.64 -38.71
C THR C 164 -16.40 -8.90 -38.25
N THR C 165 -16.48 -9.23 -36.96
CA THR C 165 -16.12 -10.57 -36.48
C THR C 165 -17.33 -11.49 -36.60
N PRO C 166 -17.17 -12.69 -37.18
CA PRO C 166 -18.24 -13.69 -37.42
C PRO C 166 -19.31 -13.83 -36.34
N SER C 167 -20.58 -13.67 -36.74
CA SER C 167 -21.71 -13.63 -35.81
C SER C 167 -22.77 -14.66 -36.23
N LYS C 168 -23.45 -15.26 -35.25
CA LYS C 168 -24.40 -16.36 -35.49
C LYS C 168 -25.72 -15.93 -36.11
N GLN C 169 -26.27 -16.81 -36.94
CA GLN C 169 -27.56 -16.60 -37.61
C GLN C 169 -28.66 -17.37 -36.87
N SER C 170 -29.90 -17.19 -37.30
CA SER C 170 -31.07 -17.88 -36.72
C SER C 170 -30.99 -19.39 -36.85
N ASN C 171 -30.35 -19.83 -37.94
CA ASN C 171 -30.06 -21.25 -38.18
C ASN C 171 -28.70 -21.71 -37.61
N ASN C 172 -28.33 -21.20 -36.43
CA ASN C 172 -27.05 -21.58 -35.79
C ASN C 172 -25.80 -21.59 -36.68
N LYS C 173 -25.80 -20.84 -37.78
CA LYS C 173 -24.68 -20.80 -38.70
C LYS C 173 -24.06 -19.41 -38.58
N TYR C 174 -22.92 -19.18 -39.22
CA TYR C 174 -22.19 -17.93 -39.05
C TYR C 174 -22.24 -17.02 -40.26
N ALA C 175 -22.07 -15.73 -39.99
CA ALA C 175 -22.11 -14.68 -41.01
C ALA C 175 -21.10 -13.61 -40.63
N ALA C 176 -20.60 -12.89 -41.63
CA ALA C 176 -19.70 -11.77 -41.39
C ALA C 176 -19.73 -10.80 -42.57
N SER C 177 -19.14 -9.63 -42.37
CA SER C 177 -19.21 -8.55 -43.36
C SER C 177 -17.96 -7.69 -43.35
N SER C 178 -17.43 -7.40 -44.54
CA SER C 178 -16.32 -6.47 -44.72
C SER C 178 -16.79 -5.31 -45.62
N TYR C 179 -16.28 -4.11 -45.36
CA TYR C 179 -16.64 -2.94 -46.15
C TYR C 179 -15.40 -2.31 -46.76
N LEU C 180 -15.53 -1.81 -47.97
CA LEU C 180 -14.47 -1.04 -48.61
C LEU C 180 -15.05 0.29 -49.08
N SER C 181 -14.57 1.39 -48.49
CA SER C 181 -15.05 2.72 -48.83
C SER C 181 -14.04 3.38 -49.75
N LEU C 182 -14.53 4.23 -50.64
CA LEU C 182 -13.69 4.93 -51.61
C LEU C 182 -14.48 6.02 -52.34
N THR C 183 -13.76 6.93 -52.99
CA THR C 183 -14.40 7.99 -53.77
C THR C 183 -14.86 7.39 -55.10
N PRO C 184 -15.94 7.93 -55.70
CA PRO C 184 -16.46 7.34 -56.93
C PRO C 184 -15.49 7.34 -58.12
N GLU C 185 -14.47 8.21 -58.09
CA GLU C 185 -13.41 8.21 -59.10
C GLU C 185 -12.57 6.94 -58.97
N GLN C 186 -12.16 6.63 -57.75
CA GLN C 186 -11.51 5.36 -57.49
C GLN C 186 -12.37 4.18 -57.95
N TRP C 187 -13.69 4.26 -57.76
CA TRP C 187 -14.64 3.22 -58.18
C TRP C 187 -14.63 2.98 -59.69
N LYS C 188 -14.76 4.04 -60.48
CA LYS C 188 -14.80 3.87 -61.93
C LYS C 188 -13.47 4.16 -62.66
N SER C 189 -12.37 4.28 -61.90
CA SER C 189 -11.02 4.25 -62.51
C SER C 189 -10.55 2.80 -62.68
N HIS C 190 -10.72 1.99 -61.63
CA HIS C 190 -10.31 0.58 -61.67
C HIS C 190 -11.28 -0.27 -62.52
N ARG C 191 -10.71 -1.30 -63.16
CA ARG C 191 -11.46 -2.20 -64.06
C ARG C 191 -12.48 -3.01 -63.29
N SER C 192 -12.04 -3.56 -62.17
CA SER C 192 -12.88 -4.41 -61.33
C SER C 192 -12.38 -4.45 -59.90
N TYR C 193 -13.24 -4.98 -59.02
CA TYR C 193 -12.96 -5.03 -57.60
C TYR C 193 -13.30 -6.40 -57.05
N SER C 194 -12.38 -6.96 -56.27
CA SER C 194 -12.53 -8.33 -55.79
C SER C 194 -12.45 -8.38 -54.28
N CYS C 195 -13.45 -9.02 -53.70
CA CYS C 195 -13.47 -9.34 -52.28
C CYS C 195 -13.19 -10.81 -52.15
N GLN C 196 -12.15 -11.18 -51.39
CA GLN C 196 -11.84 -12.59 -51.21
C GLN C 196 -11.75 -13.00 -49.76
N VAL C 197 -12.40 -14.12 -49.42
CA VAL C 197 -12.48 -14.58 -48.05
C VAL C 197 -11.79 -15.95 -47.94
N THR C 198 -10.84 -16.06 -47.01
CA THR C 198 -10.19 -17.32 -46.69
C THR C 198 -10.92 -18.00 -45.54
N HIS C 199 -11.51 -19.16 -45.83
CA HIS C 199 -12.17 -19.98 -44.83
C HIS C 199 -11.54 -21.36 -44.90
N GLU C 200 -10.62 -21.62 -43.97
CA GLU C 200 -9.99 -22.93 -43.80
C GLU C 200 -9.23 -23.40 -45.04
N GLY C 201 -8.20 -22.67 -45.42
CA GLY C 201 -7.36 -23.06 -46.56
C GLY C 201 -7.98 -22.84 -47.93
N SER C 202 -9.30 -22.89 -48.02
CA SER C 202 -10.01 -22.48 -49.23
C SER C 202 -10.06 -20.97 -49.29
N THR C 203 -10.19 -20.44 -50.50
CA THR C 203 -10.22 -19.00 -50.74
C THR C 203 -11.23 -18.72 -51.83
N VAL C 204 -12.41 -18.25 -51.44
CA VAL C 204 -13.46 -17.85 -52.37
C VAL C 204 -13.23 -16.37 -52.70
N GLU C 205 -13.54 -15.97 -53.94
CA GLU C 205 -13.29 -14.59 -54.39
C GLU C 205 -14.35 -14.11 -55.40
N LYS C 206 -15.25 -13.24 -54.95
CA LYS C 206 -16.25 -12.60 -55.82
C LYS C 206 -15.70 -11.32 -56.42
N THR C 207 -16.23 -10.95 -57.57
CA THR C 207 -15.78 -9.78 -58.30
C THR C 207 -16.98 -9.03 -58.86
N VAL C 208 -16.92 -7.70 -58.75
CA VAL C 208 -17.84 -6.80 -59.46
C VAL C 208 -17.06 -5.78 -60.27
N ALA C 209 -17.66 -5.33 -61.37
CA ALA C 209 -17.10 -4.27 -62.19
C ALA C 209 -18.06 -3.08 -62.25
N PRO C 210 -17.53 -1.89 -62.55
CA PRO C 210 -18.40 -0.86 -63.13
C PRO C 210 -18.71 -1.20 -64.60
N TRP D 6 -24.64 8.65 -1.21
CA TRP D 6 -23.83 9.72 -0.54
C TRP D 6 -24.72 10.78 0.11
N LYS D 7 -24.10 11.78 0.75
CA LYS D 7 -24.81 12.91 1.38
C LYS D 7 -24.09 14.24 1.16
N ASP D 8 -24.88 15.29 0.95
CA ASP D 8 -24.46 16.66 1.27
C ASP D 8 -23.62 16.68 2.56
N ALA D 9 -22.38 17.17 2.47
CA ALA D 9 -21.50 17.23 3.64
C ALA D 9 -20.18 17.96 3.39
N ASP D 10 -19.64 18.58 4.44
CA ASP D 10 -18.33 19.23 4.41
C ASP D 10 -17.39 18.65 5.48
N THR D 11 -16.14 18.44 5.08
CA THR D 11 -15.12 17.79 5.90
C THR D 11 -13.91 18.71 5.93
N THR D 12 -12.92 18.39 6.75
CA THR D 12 -11.62 19.07 6.72
C THR D 12 -10.75 18.43 5.62
N LEU D 13 -10.14 19.29 4.79
CA LEU D 13 -9.35 18.83 3.63
C LEU D 13 -7.86 18.79 3.93
N PHE D 14 -7.10 18.18 3.02
CA PHE D 14 -5.63 18.14 3.13
C PHE D 14 -5.00 18.35 1.75
N CYS D 15 -3.85 19.04 1.76
CA CYS D 15 -3.17 19.41 0.52
C CYS D 15 -1.99 18.51 0.21
N ALA D 16 -1.60 18.50 -1.05
CA ALA D 16 -0.44 17.72 -1.51
C ALA D 16 0.37 18.51 -2.54
N SER D 17 1.69 18.31 -2.51
CA SER D 17 2.66 19.07 -3.31
C SER D 17 3.84 18.19 -3.67
N ASP D 18 4.58 18.57 -4.70
CA ASP D 18 5.85 17.93 -5.00
C ASP D 18 6.99 18.79 -4.44
N ALA D 19 6.72 19.50 -3.35
CA ALA D 19 7.68 20.45 -2.82
C ALA D 19 8.98 19.75 -2.43
N LYS D 20 10.08 20.15 -3.05
CA LYS D 20 11.40 19.76 -2.56
C LYS D 20 11.58 20.37 -1.17
N ALA D 21 12.54 19.86 -0.42
CA ALA D 21 12.81 20.32 0.94
C ALA D 21 13.95 21.32 1.01
N HIS D 22 14.91 21.22 0.09
CA HIS D 22 16.08 22.10 0.07
C HIS D 22 15.79 23.52 -0.47
N GLU D 23 14.53 23.85 -0.76
CA GLU D 23 14.19 25.13 -1.39
C GLU D 23 13.67 26.24 -0.48
N THR D 24 14.18 27.45 -0.74
CA THR D 24 13.76 28.69 -0.09
C THR D 24 12.56 29.39 -0.72
N GLU D 25 12.27 29.09 -1.99
CA GLU D 25 11.04 29.51 -2.67
C GLU D 25 9.80 29.42 -1.77
N CYS D 26 9.20 30.58 -1.52
CA CYS D 26 8.15 30.77 -0.50
C CYS D 26 7.04 29.73 -0.48
N HIS D 27 6.64 29.23 -1.64
CA HIS D 27 5.59 28.22 -1.73
C HIS D 27 6.10 26.89 -1.19
N ASN D 28 7.17 26.38 -1.81
CA ASN D 28 7.86 25.17 -1.34
C ASN D 28 7.99 25.12 0.17
N VAL D 29 8.44 26.24 0.74
CA VAL D 29 8.71 26.33 2.17
C VAL D 29 7.43 26.09 2.97
N TRP D 30 6.34 26.70 2.54
CA TRP D 30 5.06 26.48 3.20
C TRP D 30 4.57 25.04 3.00
N ALA D 31 4.65 24.57 1.75
CA ALA D 31 4.11 23.26 1.37
C ALA D 31 4.86 22.10 2.03
N THR D 32 6.15 22.29 2.29
CA THR D 32 6.98 21.27 2.93
C THR D 32 6.56 20.95 4.36
N HIS D 33 6.02 21.94 5.07
CA HIS D 33 5.53 21.74 6.42
C HIS D 33 4.01 21.75 6.51
N ALA D 34 3.31 21.83 5.40
CA ALA D 34 1.85 21.81 5.40
C ALA D 34 1.22 20.67 4.62
N CYS D 35 1.85 20.27 3.53
CA CYS D 35 1.24 19.31 2.60
C CYS D 35 2.03 18.01 2.54
N VAL D 36 1.34 16.95 2.14
CA VAL D 36 1.98 15.67 1.87
C VAL D 36 2.57 15.62 0.46
N PRO D 37 3.47 14.65 0.18
CA PRO D 37 3.90 14.41 -1.20
C PRO D 37 2.77 14.01 -2.14
N THR D 38 2.84 14.46 -3.38
CA THR D 38 1.81 14.14 -4.36
C THR D 38 1.77 12.67 -4.72
N ASP D 39 0.61 12.22 -5.17
CA ASP D 39 0.52 11.11 -6.13
C ASP D 39 0.89 11.70 -7.48
N PRO D 40 1.92 11.18 -8.14
CA PRO D 40 1.93 11.51 -9.57
C PRO D 40 0.84 10.83 -10.44
N ASN D 41 -0.06 10.08 -9.81
CA ASN D 41 -1.17 9.41 -10.45
C ASN D 41 -2.39 9.54 -9.57
N PRO D 42 -3.16 10.60 -9.78
CA PRO D 42 -4.49 10.66 -9.22
C PRO D 42 -5.51 10.04 -10.18
N GLN D 43 -6.67 9.72 -9.65
CA GLN D 43 -7.53 8.68 -10.17
C GLN D 43 -8.86 9.30 -10.51
N GLU D 44 -9.52 8.81 -11.53
CA GLU D 44 -10.79 9.39 -11.90
C GLU D 44 -11.82 8.33 -12.25
N ILE D 45 -12.91 8.32 -11.48
CA ILE D 45 -13.95 7.30 -11.63
C ILE D 45 -15.11 7.73 -12.52
N HIS D 46 -15.03 7.28 -13.77
CA HIS D 46 -16.17 7.15 -14.67
C HIS D 46 -17.40 6.91 -13.82
N LEU D 47 -18.23 7.93 -13.75
CA LEU D 47 -19.63 7.74 -13.42
C LEU D 47 -20.30 7.09 -14.60
N GLU D 48 -20.75 5.85 -14.50
CA GLU D 48 -21.62 5.46 -15.59
C GLU D 48 -23.00 6.01 -15.18
N ASN D 49 -23.64 6.77 -16.09
CA ASN D 49 -25.09 7.19 -16.03
C ASN D 49 -25.58 8.46 -15.27
N VAL D 50 -24.89 8.83 -14.20
CA VAL D 50 -25.47 9.65 -13.11
C VAL D 50 -25.84 11.11 -13.41
N THR D 51 -26.54 11.74 -12.45
CA THR D 51 -26.27 13.14 -12.07
C THR D 51 -26.72 13.84 -10.79
N GLU D 52 -26.25 15.10 -10.71
CA GLU D 52 -25.93 15.82 -9.51
C GLU D 52 -26.12 17.31 -9.81
N ASN D 53 -26.60 18.08 -8.82
CA ASN D 53 -26.60 19.55 -8.91
C ASN D 53 -25.54 20.19 -8.04
N PHE D 54 -24.87 21.17 -8.65
CA PHE D 54 -23.73 21.85 -8.08
C PHE D 54 -24.14 23.29 -7.80
N ASN D 55 -23.58 23.89 -6.75
CA ASN D 55 -23.68 25.33 -6.58
C ASN D 55 -22.27 25.88 -6.54
N MET D 56 -21.92 26.67 -7.55
CA MET D 56 -20.70 27.51 -7.59
C MET D 56 -20.42 28.18 -6.24
N TRP D 57 -21.15 29.24 -5.92
CA TRP D 57 -20.79 30.09 -4.76
C TRP D 57 -21.26 29.47 -3.43
N LYS D 58 -21.83 28.27 -3.48
CA LYS D 58 -22.27 27.53 -2.29
C LYS D 58 -21.39 26.35 -1.83
N ASN D 59 -20.17 26.61 -1.33
CA ASN D 59 -19.46 25.62 -0.46
C ASN D 59 -18.12 26.03 0.19
N ASN D 60 -17.64 25.16 1.06
CA ASN D 60 -16.59 25.44 2.04
C ASN D 60 -15.18 24.88 1.70
N MET D 61 -15.03 24.27 0.53
CA MET D 61 -13.70 23.96 -0.03
C MET D 61 -12.90 25.25 -0.26
N VAL D 62 -13.56 26.25 -0.84
CA VAL D 62 -12.94 27.55 -1.08
C VAL D 62 -12.67 28.17 0.28
N GLU D 63 -13.67 28.06 1.17
CA GLU D 63 -13.60 28.54 2.56
C GLU D 63 -12.22 28.25 3.16
N GLN D 64 -11.81 26.99 3.05
CA GLN D 64 -10.61 26.46 3.71
C GLN D 64 -9.31 26.69 2.95
N MET D 65 -9.38 26.83 1.64
CA MET D 65 -8.20 27.15 0.85
C MET D 65 -7.77 28.58 1.16
N GLN D 66 -8.77 29.46 1.32
CA GLN D 66 -8.52 30.85 1.65
C GLN D 66 -7.67 30.98 2.93
N GLU D 67 -7.99 30.18 3.95
CA GLU D 67 -7.28 30.19 5.23
C GLU D 67 -5.81 29.75 5.13
N ASP D 68 -5.54 28.76 4.29
CA ASP D 68 -4.17 28.28 4.08
C ASP D 68 -3.31 29.24 3.27
N VAL D 69 -3.90 29.91 2.28
CA VAL D 69 -3.18 30.97 1.55
C VAL D 69 -2.81 32.09 2.54
N ILE D 70 -3.66 32.32 3.53
CA ILE D 70 -3.42 33.34 4.55
C ILE D 70 -2.12 33.15 5.35
N SER D 71 -1.95 32.00 5.99
CA SER D 71 -0.72 31.73 6.74
C SER D 71 0.41 31.21 5.85
N LEU D 72 0.09 30.94 4.59
CA LEU D 72 1.12 30.86 3.55
C LEU D 72 1.81 32.21 3.60
N TRP D 73 1.01 33.27 3.50
CA TRP D 73 1.52 34.63 3.44
C TRP D 73 1.95 35.26 4.79
N ASP D 74 1.49 34.71 5.91
CA ASP D 74 1.97 35.09 7.26
C ASP D 74 3.42 34.63 7.49
N GLN D 75 3.70 33.38 7.13
CA GLN D 75 5.06 32.84 7.16
C GLN D 75 5.99 33.46 6.09
N CYS D 76 5.45 33.81 4.91
CA CYS D 76 6.26 34.29 3.75
C CYS D 76 7.24 35.45 4.01
N LEU D 77 6.74 36.57 4.52
CA LEU D 77 7.55 37.79 4.65
C LEU D 77 7.05 38.62 5.82
N PHE D 87 10.29 33.49 -6.25
CA PHE D 87 8.88 33.31 -5.92
C PHE D 87 8.12 32.96 -7.20
N ASP D 88 7.66 31.71 -7.29
CA ASP D 88 6.99 31.21 -8.48
C ASP D 88 6.21 29.96 -8.07
N PRO D 89 4.87 29.96 -8.29
CA PRO D 89 4.06 28.97 -7.60
C PRO D 89 4.18 27.54 -8.14
N ILE D 90 4.13 26.57 -7.22
CA ILE D 90 4.16 25.16 -7.56
C ILE D 90 2.74 24.64 -7.37
N PRO D 91 2.37 23.54 -8.07
CA PRO D 91 0.96 23.12 -7.99
C PRO D 91 0.64 22.51 -6.62
N ILE D 92 -0.46 22.97 -6.01
CA ILE D 92 -0.97 22.37 -4.78
C ILE D 92 -2.29 21.69 -5.11
N HIS D 93 -2.46 20.47 -4.61
CA HIS D 93 -3.68 19.71 -4.81
C HIS D 93 -4.37 19.63 -3.47
N TYR D 94 -5.69 19.70 -3.46
CA TYR D 94 -6.46 19.45 -2.25
C TYR D 94 -7.27 18.18 -2.43
N CYS D 95 -7.34 17.38 -1.37
CA CYS D 95 -7.94 16.06 -1.39
C CYS D 95 -8.80 15.83 -0.17
N THR D 96 -9.63 14.80 -0.24
CA THR D 96 -10.56 14.45 0.83
C THR D 96 -9.98 13.34 1.72
N PRO D 97 -10.35 13.32 3.02
CA PRO D 97 -10.05 12.16 3.85
C PRO D 97 -10.95 10.98 3.50
N ALA D 98 -10.63 9.81 4.02
CA ALA D 98 -11.43 8.63 3.75
C ALA D 98 -12.85 8.80 4.26
N GLY D 99 -13.81 8.21 3.55
CA GLY D 99 -15.23 8.38 3.84
C GLY D 99 -15.85 9.57 3.13
N TYR D 100 -15.04 10.38 2.46
CA TYR D 100 -15.51 11.47 1.63
C TYR D 100 -14.92 11.33 0.23
N VAL D 101 -15.57 11.97 -0.72
CA VAL D 101 -15.10 12.05 -2.10
C VAL D 101 -15.53 13.41 -2.61
N ILE D 102 -14.83 13.93 -3.62
CA ILE D 102 -15.28 15.13 -4.32
C ILE D 102 -15.84 14.82 -5.71
N LEU D 103 -17.09 15.22 -5.92
CA LEU D 103 -17.79 15.04 -7.20
C LEU D 103 -17.43 16.24 -8.09
N LYS D 104 -17.24 15.99 -9.38
CA LYS D 104 -16.86 17.03 -10.33
C LYS D 104 -17.54 16.85 -11.68
N CYS D 105 -18.50 17.73 -12.04
CA CYS D 105 -19.06 17.68 -13.40
C CYS D 105 -18.08 18.21 -14.43
N ASN D 106 -17.55 17.28 -15.23
CA ASN D 106 -16.67 17.59 -16.35
C ASN D 106 -17.20 18.73 -17.19
N ASP D 107 -18.38 18.51 -17.79
CA ASP D 107 -19.11 19.55 -18.54
C ASP D 107 -18.23 20.19 -19.61
N PHE D 110 -20.62 23.87 -18.72
CA PHE D 110 -20.69 24.29 -17.31
C PHE D 110 -20.13 25.68 -17.13
N ASN D 111 -20.71 26.41 -16.19
CA ASN D 111 -20.08 27.59 -15.62
C ASN D 111 -19.97 27.53 -14.09
N GLY D 112 -20.84 26.74 -13.45
CA GLY D 112 -20.70 26.43 -12.01
C GLY D 112 -21.96 26.20 -11.17
N THR D 113 -23.16 26.48 -11.69
CA THR D 113 -24.40 26.21 -10.96
C THR D 113 -25.36 25.40 -11.81
N GLY D 114 -26.41 24.88 -11.18
CA GLY D 114 -27.30 23.92 -11.82
C GLY D 114 -26.53 22.63 -11.98
N PRO D 115 -27.20 21.47 -11.87
CA PRO D 115 -26.48 20.21 -12.03
C PRO D 115 -25.75 20.08 -13.38
N CYS D 116 -26.05 19.03 -14.16
CA CYS D 116 -25.25 18.57 -15.31
C CYS D 116 -25.48 17.08 -15.37
N LYS D 117 -24.99 16.40 -16.42
CA LYS D 117 -25.10 14.92 -16.55
C LYS D 117 -23.80 14.04 -16.62
N ASN D 118 -22.60 14.63 -16.55
CA ASN D 118 -21.36 13.80 -16.48
C ASN D 118 -20.27 14.30 -15.50
N VAL D 119 -20.69 14.43 -14.24
CA VAL D 119 -19.89 14.27 -12.96
C VAL D 119 -18.58 13.40 -13.10
N SER D 120 -18.28 12.53 -12.11
CA SER D 120 -17.13 11.59 -12.02
C SER D 120 -16.20 12.08 -10.90
N SER D 121 -15.59 11.16 -10.19
CA SER D 121 -15.15 11.50 -8.83
C SER D 121 -13.69 11.27 -8.47
N VAL D 122 -12.95 12.38 -8.60
CA VAL D 122 -11.53 12.46 -8.28
C VAL D 122 -11.25 12.38 -6.78
N GLN D 123 -10.05 11.93 -6.43
CA GLN D 123 -9.58 11.99 -5.06
C GLN D 123 -9.07 13.39 -4.77
N CYS D 124 -8.40 13.98 -5.75
CA CYS D 124 -7.78 15.29 -5.56
C CYS D 124 -8.08 16.24 -6.72
N THR D 125 -7.94 17.53 -6.44
CA THR D 125 -8.14 18.58 -7.42
C THR D 125 -7.00 18.60 -8.44
N HIS D 126 -7.16 19.40 -9.49
CA HIS D 126 -6.02 19.71 -10.38
C HIS D 126 -4.94 20.45 -9.60
N GLY D 127 -3.74 20.47 -10.17
CA GLY D 127 -2.62 21.20 -9.58
C GLY D 127 -2.92 22.68 -9.64
N ILE D 128 -3.06 23.31 -8.47
CA ILE D 128 -3.51 24.70 -8.39
C ILE D 128 -2.37 25.68 -8.16
N LYS D 129 -2.06 26.42 -9.22
CA LYS D 129 -1.27 27.64 -9.09
C LYS D 129 -2.13 28.61 -8.31
N PRO D 130 -1.63 29.17 -7.20
CA PRO D 130 -2.38 30.29 -6.63
C PRO D 130 -2.11 31.58 -7.40
N ILE D 139 -9.46 37.56 -3.48
CA ILE D 139 -8.66 36.39 -3.85
C ILE D 139 -9.47 35.07 -3.76
N LYS D 140 -10.70 35.17 -3.26
CA LYS D 140 -11.66 34.07 -3.32
C LYS D 140 -12.17 33.91 -4.81
N ASP D 141 -12.21 35.02 -5.56
CA ASP D 141 -12.37 35.10 -7.05
C ASP D 141 -11.58 34.16 -7.98
N ASN D 142 -10.38 33.81 -7.55
CA ASN D 142 -9.44 33.09 -8.37
C ASN D 142 -9.72 31.62 -8.17
N TRP D 143 -9.84 31.24 -6.90
CA TRP D 143 -10.22 29.88 -6.51
C TRP D 143 -11.58 29.58 -7.16
N ARG D 144 -12.49 30.58 -7.12
CA ARG D 144 -13.68 30.67 -7.99
C ARG D 144 -13.50 29.99 -9.35
N SER D 145 -12.59 30.55 -10.14
CA SER D 145 -12.47 30.23 -11.55
C SER D 145 -11.84 28.86 -11.81
N GLU D 146 -11.41 28.15 -10.76
CA GLU D 146 -10.92 26.78 -10.87
C GLU D 146 -11.66 25.74 -10.00
N LEU D 147 -12.06 26.14 -8.78
CA LEU D 147 -12.74 25.25 -7.80
C LEU D 147 -14.17 24.83 -8.08
N TYR D 148 -14.84 25.50 -9.01
CA TYR D 148 -16.26 25.31 -9.23
C TYR D 148 -16.52 24.40 -10.42
N LYS D 149 -15.58 23.48 -10.58
CA LYS D 149 -15.79 22.21 -11.23
C LYS D 149 -16.20 21.15 -10.17
N TYR D 150 -15.40 21.03 -9.10
CA TYR D 150 -15.52 19.94 -8.10
C TYR D 150 -16.22 20.38 -6.82
N LYS D 151 -16.47 19.42 -5.89
CA LYS D 151 -16.82 19.68 -4.44
C LYS D 151 -17.16 18.38 -3.63
N VAL D 152 -17.79 18.49 -2.45
CA VAL D 152 -17.72 17.43 -1.42
C VAL D 152 -19.01 16.68 -1.09
N VAL D 153 -18.91 15.35 -1.01
CA VAL D 153 -20.00 14.51 -0.46
C VAL D 153 -19.46 13.42 0.48
N GLN D 154 -20.35 12.94 1.35
CA GLN D 154 -20.02 11.93 2.38
C GLN D 154 -20.50 10.54 1.98
N ILE D 155 -19.61 9.57 1.98
CA ILE D 155 -19.94 8.18 1.68
C ILE D 155 -20.26 7.46 2.97
N GLN E 1 -12.65 2.42 13.73
CA GLN E 1 -12.03 1.32 14.52
C GLN E 1 -10.53 1.14 14.25
N VAL E 2 -9.81 2.24 14.04
CA VAL E 2 -8.38 2.19 13.73
C VAL E 2 -7.54 2.11 15.01
N GLN E 3 -7.15 0.90 15.38
CA GLN E 3 -6.31 0.69 16.56
C GLN E 3 -4.94 0.19 16.13
N LEU E 4 -3.95 0.33 17.02
CA LEU E 4 -2.56 -0.04 16.73
C LEU E 4 -2.02 -1.05 17.73
N GLN E 5 -1.25 -2.04 17.23
CA GLN E 5 -0.78 -3.18 18.04
C GLN E 5 0.74 -3.28 18.07
N GLU E 6 1.30 -3.45 19.27
CA GLU E 6 2.75 -3.43 19.52
C GLU E 6 3.40 -4.81 19.61
N SER E 7 4.30 -5.12 18.67
CA SER E 7 4.99 -6.41 18.63
C SER E 7 6.51 -6.26 18.64
N GLY E 8 7.19 -7.11 19.40
CA GLY E 8 8.64 -7.24 19.31
C GLY E 8 9.33 -7.72 20.58
N PRO E 9 10.67 -7.82 20.53
CA PRO E 9 11.47 -8.36 21.63
C PRO E 9 11.48 -7.44 22.83
N GLY E 10 11.47 -8.04 24.01
CA GLY E 10 11.58 -7.29 25.27
C GLY E 10 13.00 -6.87 25.55
N LEU E 11 13.95 -7.72 25.18
CA LEU E 11 15.37 -7.49 25.41
C LEU E 11 16.09 -7.52 24.07
N VAL E 12 17.09 -6.68 23.90
CA VAL E 12 18.10 -6.86 22.85
C VAL E 12 19.43 -6.46 23.44
N LYS E 13 20.50 -7.07 22.96
CA LYS E 13 21.83 -6.77 23.46
C LYS E 13 22.44 -5.64 22.67
N PRO E 14 23.34 -4.87 23.29
CA PRO E 14 24.02 -3.75 22.66
C PRO E 14 24.69 -4.12 21.37
N SER E 15 24.88 -3.14 20.50
CA SER E 15 25.48 -3.34 19.19
C SER E 15 24.70 -4.30 18.27
N GLN E 16 23.60 -4.90 18.75
CA GLN E 16 22.74 -5.68 17.88
C GLN E 16 21.82 -4.70 17.12
N THR E 17 20.52 -4.97 17.14
CA THR E 17 19.60 -4.32 16.22
C THR E 17 18.18 -4.61 16.70
N LEU E 18 17.54 -3.58 17.23
CA LEU E 18 16.13 -3.64 17.61
C LEU E 18 15.24 -3.60 16.39
N SER E 19 14.24 -4.48 16.35
CA SER E 19 13.19 -4.44 15.35
C SER E 19 11.81 -4.70 15.95
N LEU E 20 10.94 -3.70 15.88
CA LEU E 20 9.56 -3.80 16.34
C LEU E 20 8.63 -3.69 15.15
N SER E 21 7.42 -4.23 15.31
CA SER E 21 6.38 -4.14 14.28
C SER E 21 5.10 -3.63 14.89
N CYS E 22 4.41 -2.75 14.17
CA CYS E 22 3.12 -2.25 14.59
C CYS E 22 2.12 -2.63 13.53
N THR E 23 0.97 -3.17 13.95
CA THR E 23 -0.05 -3.65 13.02
C THR E 23 -1.36 -2.86 13.14
N VAL E 24 -1.75 -2.25 12.03
CA VAL E 24 -2.98 -1.47 11.92
C VAL E 24 -4.15 -2.45 11.98
N SER E 25 -5.29 -2.01 12.50
CA SER E 25 -6.45 -2.88 12.62
C SER E 25 -7.73 -2.07 12.81
N GLY E 26 -8.24 -1.55 11.71
CA GLY E 26 -9.51 -0.83 11.68
C GLY E 26 -10.37 -1.27 10.53
N SER E 28 -9.07 -0.04 6.74
CA SER E 28 -8.82 0.93 5.68
C SER E 28 -9.61 2.23 5.82
N SER E 29 -10.58 2.28 6.73
CA SER E 29 -11.23 3.55 7.11
C SER E 29 -10.15 4.60 7.32
N SER E 30 -9.07 4.16 7.97
CA SER E 30 -7.82 4.90 7.99
C SER E 30 -7.06 4.72 6.69
N SER E 31 -6.93 5.78 5.90
CA SER E 31 -6.22 5.71 4.60
C SER E 31 -6.03 6.99 3.77
N GLY E 32 -6.45 8.16 4.26
CA GLY E 32 -6.16 9.42 3.59
C GLY E 32 -4.67 9.68 3.64
N ALA E 33 -4.28 10.94 3.79
CA ALA E 33 -2.86 11.28 3.87
C ALA E 33 -2.39 11.34 5.33
N HIS E 34 -1.88 10.19 5.78
CA HIS E 34 -1.31 10.01 7.11
C HIS E 34 0.17 9.69 6.98
N TYR E 35 0.83 9.67 8.14
CA TYR E 35 2.20 9.21 8.27
C TYR E 35 2.18 8.12 9.33
N TRP E 36 3.04 7.11 9.17
CA TRP E 36 3.10 5.99 10.11
C TRP E 36 4.39 6.06 10.87
N SER E 37 4.28 6.15 12.19
CA SER E 37 5.24 6.89 12.97
C SER E 37 5.65 6.12 14.21
N TRP E 38 6.93 6.22 14.61
CA TRP E 38 7.45 5.59 15.85
C TRP E 38 7.96 6.63 16.82
N ILE E 39 7.54 6.53 18.08
CA ILE E 39 7.92 7.46 19.12
C ILE E 39 8.29 6.65 20.35
N ARG E 40 9.28 7.09 21.11
CA ARG E 40 9.69 6.37 22.32
C ARG E 40 9.67 7.27 23.55
N GLN E 41 9.35 6.69 24.72
CA GLN E 41 9.23 7.41 25.98
C GLN E 41 10.13 6.78 27.05
N TYR E 42 10.93 7.61 27.73
CA TYR E 42 12.10 7.11 28.51
C TYR E 42 12.17 6.40 29.91
N PRO E 43 11.27 6.57 30.91
CA PRO E 43 10.03 7.34 30.91
C PRO E 43 10.12 8.71 31.56
N GLY E 44 9.54 9.00 32.72
CA GLY E 44 9.47 10.41 33.13
C GLY E 44 9.88 11.24 31.92
N LYS E 45 10.98 11.97 32.06
CA LYS E 45 11.99 12.30 31.00
C LYS E 45 11.77 13.30 29.81
N GLY E 46 11.08 13.03 28.69
CA GLY E 46 10.22 11.88 28.39
C GLY E 46 10.23 11.56 26.91
N LEU E 47 9.26 12.09 26.15
CA LEU E 47 9.06 11.65 24.75
C LEU E 47 10.12 12.07 23.72
N GLU E 48 10.41 11.15 22.79
CA GLU E 48 11.25 11.44 21.64
C GLU E 48 10.72 10.82 20.34
N TRP E 49 10.75 11.60 19.27
CA TRP E 49 10.35 11.15 17.93
C TRP E 49 11.46 10.37 17.31
N ILE E 50 11.12 9.22 16.74
CA ILE E 50 12.10 8.42 16.01
C ILE E 50 12.01 8.80 14.53
N GLY E 51 10.83 8.63 13.95
CA GLY E 51 10.66 8.91 12.54
C GLY E 51 9.32 8.41 12.06
N TYR E 52 9.01 8.68 10.81
CA TYR E 52 7.85 8.09 10.18
C TYR E 52 8.03 7.87 8.69
N ILE E 53 7.13 7.05 8.16
CA ILE E 53 7.03 6.79 6.73
C ILE E 53 5.63 7.19 6.28
N HIS E 54 5.59 7.84 5.13
CA HIS E 54 4.36 8.23 4.48
C HIS E 54 3.95 7.05 3.61
N TYR E 55 2.66 6.70 3.56
CA TYR E 55 2.18 5.60 2.69
C TYR E 55 2.52 5.79 1.19
N SER E 56 2.90 7.00 0.76
CA SER E 56 3.39 7.20 -0.60
C SER E 56 4.80 6.66 -0.72
N GLY E 57 5.43 6.40 0.43
CA GLY E 57 6.68 5.67 0.52
C GLY E 57 7.85 6.48 1.05
N ASN E 58 7.62 7.76 1.35
CA ASN E 58 8.69 8.65 1.76
C ASN E 58 8.98 8.53 3.23
N THR E 59 10.28 8.49 3.55
CA THR E 59 10.77 8.28 4.91
C THR E 59 11.28 9.59 5.49
N TYR E 60 11.07 9.76 6.79
CA TYR E 60 11.53 10.96 7.50
C TYR E 60 11.99 10.57 8.90
N TYR E 61 13.30 10.62 9.13
CA TYR E 61 13.88 10.20 10.39
C TYR E 61 14.45 11.37 11.17
N ASN E 62 14.50 11.21 12.48
CA ASN E 62 15.04 12.20 13.41
C ASN E 62 16.57 12.28 13.29
N PRO E 63 17.10 13.47 12.93
CA PRO E 63 18.53 13.64 12.61
C PRO E 63 19.47 13.15 13.69
N SER E 64 19.11 13.45 14.94
CA SER E 64 19.97 13.18 16.09
C SER E 64 20.27 11.69 16.36
N LEU E 65 19.61 10.77 15.66
CA LEU E 65 19.94 9.35 15.77
C LEU E 65 20.83 8.96 14.57
N LYS E 66 22.12 9.24 14.72
CA LYS E 66 23.05 9.46 13.59
C LYS E 66 22.99 8.46 12.40
N SER E 67 21.85 8.43 11.71
CA SER E 67 21.56 7.48 10.60
C SER E 67 21.48 5.98 10.98
N ARG E 68 21.01 5.69 12.20
CA ARG E 68 20.95 4.32 12.71
C ARG E 68 19.55 3.68 12.55
N ILE E 69 18.75 4.19 11.62
CA ILE E 69 17.32 3.90 11.61
C ILE E 69 16.75 3.67 10.22
N THR E 70 15.82 2.72 10.15
CA THR E 70 14.94 2.58 9.00
C THR E 70 13.53 2.22 9.45
N ILE E 71 12.56 2.73 8.68
CA ILE E 71 11.14 2.44 8.89
C ILE E 71 10.60 1.97 7.55
N SER E 72 9.70 0.99 7.56
CA SER E 72 9.22 0.38 6.33
C SER E 72 7.78 -0.06 6.42
N GLN E 73 7.15 -0.19 5.26
CA GLN E 73 5.72 -0.39 5.14
C GLN E 73 5.38 -1.73 4.50
N HIS E 74 4.35 -2.40 5.03
CA HIS E 74 4.03 -3.76 4.62
C HIS E 74 2.55 -3.90 4.38
N THR E 75 2.14 -3.25 3.29
CA THR E 75 0.75 -3.25 2.83
C THR E 75 0.00 -4.57 3.00
N SER E 76 0.70 -5.70 2.80
CA SER E 76 0.13 -7.05 2.97
C SER E 76 -0.60 -7.27 4.28
N GLU E 77 0.15 -7.35 5.38
CA GLU E 77 -0.42 -7.70 6.66
C GLU E 77 -0.62 -6.44 7.51
N ASN E 78 -1.15 -5.39 6.89
CA ASN E 78 -1.60 -4.21 7.61
C ASN E 78 -0.61 -3.70 8.67
N GLN E 79 0.67 -3.66 8.34
CA GLN E 79 1.65 -3.31 9.35
C GLN E 79 2.88 -2.58 8.82
N PHE E 80 3.59 -1.95 9.74
CA PHE E 80 4.84 -1.27 9.47
C PHE E 80 5.77 -1.57 10.63
N SER E 81 7.03 -1.16 10.52
CA SER E 81 8.05 -1.63 11.45
C SER E 81 9.25 -0.72 11.57
N LEU E 82 9.99 -0.95 12.65
CA LEU E 82 11.14 -0.14 13.00
C LEU E 82 12.36 -1.03 13.03
N LYS E 83 13.47 -0.56 12.48
CA LYS E 83 14.74 -1.24 12.65
C LYS E 83 15.78 -0.22 13.14
N LEU E 84 16.13 -0.33 14.42
CA LEU E 84 17.13 0.54 15.04
C LEU E 84 18.42 -0.25 15.19
N ASN E 85 19.54 0.30 14.71
CA ASN E 85 20.83 -0.38 14.76
C ASN E 85 21.73 0.13 15.87
N SER E 86 22.80 -0.62 16.15
CA SER E 86 23.90 -0.16 17.00
C SER E 86 23.40 0.31 18.36
N VAL E 87 22.48 -0.47 18.93
CA VAL E 87 21.76 -0.04 20.14
C VAL E 87 22.66 0.04 21.38
N THR E 88 22.38 1.02 22.25
CA THR E 88 23.06 1.16 23.53
C THR E 88 22.03 1.07 24.64
N VAL E 89 22.49 1.08 25.89
CA VAL E 89 21.62 1.07 27.05
C VAL E 89 20.68 2.30 27.02
N ALA E 90 21.15 3.39 26.43
CA ALA E 90 20.33 4.60 26.18
C ALA E 90 19.09 4.39 25.32
N ASP E 91 19.13 3.40 24.41
CA ASP E 91 17.97 3.07 23.58
C ASP E 91 16.85 2.32 24.33
N THR E 92 17.08 1.99 25.61
CA THR E 92 16.03 1.45 26.48
C THR E 92 14.90 2.45 26.62
N ALA E 93 13.69 2.01 26.28
CA ALA E 93 12.53 2.88 26.34
C ALA E 93 11.23 2.10 26.16
N VAL E 94 10.11 2.82 26.34
CA VAL E 94 8.81 2.35 25.94
C VAL E 94 8.55 2.92 24.55
N TYR E 95 8.38 2.01 23.59
CA TYR E 95 8.25 2.38 22.18
C TYR E 95 6.79 2.37 21.77
N TYR E 96 6.33 3.50 21.25
CA TYR E 96 4.97 3.65 20.78
C TYR E 96 4.98 3.68 19.28
N CYS E 97 3.92 3.13 18.70
CA CYS E 97 3.61 3.38 17.32
C CYS E 97 2.37 4.26 17.31
N ALA E 98 2.24 5.07 16.25
CA ALA E 98 1.20 6.09 16.16
C ALA E 98 0.98 6.53 14.71
N ARG E 99 -0.13 7.21 14.48
CA ARG E 99 -0.47 7.72 13.15
C ARG E 99 -0.47 9.23 13.17
N GLY E 100 0.35 9.83 12.31
CA GLY E 100 0.40 11.29 12.15
C GLY E 100 -0.46 11.77 10.99
N THR E 101 -1.24 12.83 11.23
CA THR E 101 -2.07 13.48 10.20
C THR E 101 -1.50 14.82 9.75
N ARG E 102 -1.66 15.12 8.46
CA ARG E 102 -1.46 16.45 7.89
C ARG E 102 -2.76 17.03 7.32
N LEU E 103 -3.90 16.63 7.89
CA LEU E 103 -5.19 17.30 7.63
C LEU E 103 -5.17 18.66 8.26
N ARG E 104 -5.96 19.58 7.72
CA ARG E 104 -6.15 20.88 8.37
C ARG E 104 -6.85 20.66 9.69
N THR E 105 -6.61 21.57 10.63
CA THR E 105 -7.04 21.43 12.03
C THR E 105 -6.34 20.28 12.78
N LEU E 106 -5.46 19.54 12.11
CA LEU E 106 -4.73 18.43 12.74
C LEU E 106 -3.24 18.35 12.33
N ARG E 107 -2.73 19.38 11.65
CA ARG E 107 -1.43 19.29 10.99
C ARG E 107 -0.31 19.09 11.99
N ASN E 108 0.55 18.12 11.68
CA ASN E 108 1.73 17.76 12.47
C ASN E 108 1.41 17.46 13.93
N ALA E 109 0.43 16.58 14.09
CA ALA E 109 0.07 16.01 15.38
C ALA E 109 -0.13 14.53 15.14
N PHE E 110 -0.24 13.77 16.22
CA PHE E 110 -0.38 12.32 16.13
C PHE E 110 -1.79 11.90 16.51
N ASP E 111 -2.55 11.60 15.46
CA ASP E 111 -3.96 11.25 15.54
C ASP E 111 -4.28 10.14 16.56
N ILE E 112 -3.76 8.94 16.34
CA ILE E 112 -4.02 7.77 17.17
C ILE E 112 -2.72 7.17 17.68
N TRP E 113 -2.75 6.55 18.86
CA TRP E 113 -1.54 5.94 19.45
C TRP E 113 -1.76 4.49 19.85
N GLY E 114 -0.66 3.75 19.97
CA GLY E 114 -0.66 2.39 20.53
C GLY E 114 -0.48 2.43 22.04
N GLN E 115 -0.92 1.36 22.72
CA GLN E 115 -0.78 1.26 24.19
C GLN E 115 0.66 1.37 24.70
N GLY E 116 1.63 1.07 23.83
CA GLY E 116 3.04 1.19 24.15
C GLY E 116 3.60 -0.16 24.53
N THR E 117 4.90 -0.35 24.31
CA THR E 117 5.56 -1.60 24.66
C THR E 117 6.99 -1.38 25.13
N MET E 118 7.39 -2.12 26.17
CA MET E 118 8.70 -1.95 26.78
C MET E 118 9.77 -2.64 25.96
N VAL E 119 10.93 -1.99 25.83
CA VAL E 119 12.13 -2.61 25.25
C VAL E 119 13.35 -2.19 26.06
N THR E 120 14.16 -3.17 26.46
CA THR E 120 15.28 -2.97 27.35
C THR E 120 16.57 -3.38 26.66
N VAL E 121 17.59 -2.52 26.63
CA VAL E 121 18.91 -2.90 26.11
C VAL E 121 19.86 -3.26 27.25
N SER E 122 20.56 -4.38 27.12
CA SER E 122 21.56 -4.80 28.12
C SER E 122 22.47 -5.90 27.61
N SER E 123 23.76 -5.78 27.89
CA SER E 123 24.71 -6.84 27.57
C SER E 123 24.55 -7.93 28.61
N ALA E 124 24.61 -7.54 29.88
CA ALA E 124 24.44 -8.44 31.04
C ALA E 124 23.58 -9.70 30.83
N SER E 125 24.00 -10.78 31.48
CA SER E 125 23.25 -12.03 31.53
C SER E 125 22.98 -12.35 32.99
N THR E 126 22.02 -13.24 33.24
CA THR E 126 21.46 -13.46 34.59
C THR E 126 22.46 -13.25 35.71
N LYS E 127 22.06 -12.49 36.72
CA LYS E 127 22.95 -12.16 37.80
C LYS E 127 22.20 -12.01 39.11
N GLY E 128 22.71 -12.66 40.15
CA GLY E 128 22.18 -12.50 41.49
C GLY E 128 22.55 -11.14 42.03
N PRO E 129 21.82 -10.65 43.03
CA PRO E 129 22.09 -9.34 43.59
C PRO E 129 23.25 -9.32 44.58
N SER E 130 23.81 -8.13 44.80
CA SER E 130 24.65 -7.83 45.96
C SER E 130 23.78 -7.06 46.95
N VAL E 131 23.59 -7.58 48.14
CA VAL E 131 22.71 -6.93 49.10
C VAL E 131 23.52 -6.17 50.12
N PHE E 132 23.27 -4.85 50.23
CA PHE E 132 23.87 -4.00 51.25
C PHE E 132 22.82 -3.40 52.18
N PRO E 133 23.13 -3.29 53.48
CA PRO E 133 22.17 -2.76 54.45
C PRO E 133 22.14 -1.23 54.51
N LEU E 134 20.99 -0.68 54.89
CA LEU E 134 20.84 0.75 55.11
C LEU E 134 20.53 0.89 56.58
N ALA E 135 21.56 1.18 57.35
CA ALA E 135 21.44 1.19 58.80
C ALA E 135 20.68 2.43 59.27
N PRO E 136 19.86 2.28 60.32
CA PRO E 136 19.14 3.38 60.94
C PRO E 136 20.10 4.27 61.76
N SER E 137 20.14 4.12 63.09
CA SER E 137 20.79 5.03 64.07
C SER E 137 19.75 5.75 64.95
N SER E 138 20.23 6.64 65.81
CA SER E 138 19.45 7.78 66.32
C SER E 138 19.87 9.07 65.60
N LYS E 139 20.72 8.91 64.59
CA LYS E 139 21.00 9.92 63.59
C LYS E 139 20.01 9.71 62.41
N SER E 140 19.02 8.82 62.59
CA SER E 140 18.01 8.48 61.57
C SER E 140 16.62 8.26 62.20
N THR E 141 16.28 9.07 63.21
CA THR E 141 15.11 8.89 64.05
C THR E 141 14.24 10.15 64.00
N SER E 142 13.20 10.10 63.18
CA SER E 142 12.31 11.25 62.93
C SER E 142 11.46 11.66 64.14
N GLY E 143 11.36 10.77 65.13
CA GLY E 143 10.63 11.03 66.36
C GLY E 143 10.21 9.69 66.92
N GLY E 144 11.06 9.10 67.77
CA GLY E 144 10.87 7.73 68.22
C GLY E 144 11.15 6.75 67.10
N THR E 145 10.29 6.73 66.08
CA THR E 145 10.44 5.83 64.93
C THR E 145 11.62 6.11 63.96
N ALA E 146 12.53 5.13 63.87
CA ALA E 146 13.66 5.15 62.90
C ALA E 146 13.34 4.34 61.63
N ALA E 147 14.22 4.43 60.63
CA ALA E 147 14.03 3.77 59.33
C ALA E 147 15.31 3.13 58.79
N LEU E 148 15.21 1.88 58.36
CA LEU E 148 16.35 1.10 57.88
C LEU E 148 15.99 0.41 56.58
N GLY E 149 16.96 -0.23 55.93
CA GLY E 149 16.68 -0.89 54.67
C GLY E 149 17.73 -1.74 54.00
N CYS E 150 17.40 -2.14 52.78
CA CYS E 150 18.21 -3.00 51.96
C CYS E 150 18.42 -2.39 50.60
N LEU E 151 19.65 -2.02 50.28
CA LEU E 151 20.00 -1.67 48.91
C LEU E 151 20.28 -2.96 48.11
N VAL E 152 19.41 -3.31 47.16
CA VAL E 152 19.57 -4.52 46.35
C VAL E 152 20.19 -4.14 45.02
N LYS E 153 21.49 -4.37 44.90
CA LYS E 153 22.29 -3.75 43.86
C LYS E 153 22.80 -4.72 42.78
N ASP E 154 22.84 -4.25 41.54
CA ASP E 154 23.51 -4.96 40.40
C ASP E 154 23.08 -6.42 40.18
N TYR E 155 21.85 -6.59 39.72
CA TYR E 155 21.29 -7.90 39.38
C TYR E 155 20.64 -7.84 38.01
N PHE E 156 20.22 -8.99 37.50
CA PHE E 156 19.59 -9.07 36.18
C PHE E 156 18.97 -10.44 35.94
N PRO E 157 17.76 -10.53 35.36
CA PRO E 157 16.85 -9.43 35.05
C PRO E 157 15.79 -9.27 36.17
N GLU E 158 14.75 -8.47 35.92
CA GLU E 158 13.58 -8.41 36.81
C GLU E 158 12.88 -9.78 36.82
N PRO E 159 12.19 -10.17 37.90
CA PRO E 159 11.93 -9.36 39.09
C PRO E 159 12.82 -9.77 40.28
N VAL E 160 12.54 -9.18 41.44
CA VAL E 160 13.21 -9.48 42.70
C VAL E 160 12.22 -9.28 43.84
N THR E 161 12.19 -10.21 44.79
CA THR E 161 11.24 -10.17 45.90
C THR E 161 11.97 -9.89 47.21
N VAL E 162 11.62 -8.79 47.87
CA VAL E 162 12.16 -8.48 49.19
C VAL E 162 11.09 -8.71 50.24
N SER E 163 11.51 -9.22 51.38
CA SER E 163 10.64 -9.42 52.54
C SER E 163 11.49 -9.38 53.79
N TRP E 164 10.89 -8.96 54.90
CA TRP E 164 11.63 -8.80 56.14
C TRP E 164 11.18 -9.88 57.15
N ASN E 165 12.16 -10.48 57.82
CA ASN E 165 11.92 -11.54 58.81
C ASN E 165 11.01 -12.65 58.30
N SER E 166 11.37 -13.21 57.15
CA SER E 166 10.63 -14.28 56.48
C SER E 166 9.16 -13.97 56.26
N GLY E 167 8.86 -12.69 56.08
CA GLY E 167 7.49 -12.20 55.89
C GLY E 167 6.67 -11.96 57.15
N ALA E 168 7.29 -12.08 58.33
CA ALA E 168 6.62 -11.78 59.60
C ALA E 168 6.33 -10.29 59.69
N LEU E 169 7.36 -9.49 59.43
CA LEU E 169 7.26 -8.04 59.44
C LEU E 169 6.71 -7.54 58.11
N THR E 170 5.45 -7.10 58.12
CA THR E 170 4.79 -6.57 56.93
C THR E 170 4.43 -5.08 57.01
N SER E 171 4.18 -4.56 58.22
CA SER E 171 3.68 -3.18 58.40
C SER E 171 4.77 -2.12 58.33
N GLY E 172 4.47 -1.02 57.65
CA GLY E 172 5.41 0.06 57.42
C GLY E 172 6.54 -0.34 56.49
N VAL E 173 6.27 -1.29 55.59
CA VAL E 173 7.27 -1.74 54.63
C VAL E 173 6.91 -1.22 53.27
N HIS E 174 7.91 -0.73 52.56
CA HIS E 174 7.73 -0.28 51.19
C HIS E 174 8.93 -0.67 50.36
N THR E 175 8.70 -1.34 49.24
CA THR E 175 9.78 -1.66 48.32
C THR E 175 9.57 -0.81 47.08
N PHE E 176 10.64 -0.16 46.63
CA PHE E 176 10.54 0.74 45.49
C PHE E 176 10.64 -0.03 44.17
N PRO E 177 10.21 0.62 43.07
CA PRO E 177 10.49 0.08 41.74
C PRO E 177 11.97 -0.03 41.48
N ALA E 178 12.34 -0.95 40.59
CA ALA E 178 13.73 -1.15 40.23
C ALA E 178 14.21 -0.04 39.29
N VAL E 179 15.52 0.07 39.15
CA VAL E 179 16.17 1.16 38.40
C VAL E 179 17.32 0.65 37.54
N LEU E 180 17.22 0.83 36.23
CA LEU E 180 18.20 0.29 35.29
C LEU E 180 19.40 1.23 35.20
N GLN E 181 20.57 0.80 35.65
CA GLN E 181 21.76 1.63 35.55
C GLN E 181 22.36 1.51 34.16
N SER E 182 23.26 2.42 33.81
CA SER E 182 23.91 2.40 32.51
C SER E 182 24.87 1.22 32.36
N SER E 183 25.25 0.61 33.48
CA SER E 183 25.96 -0.68 33.43
C SER E 183 25.14 -1.75 32.73
N GLY E 184 23.83 -1.56 32.63
CA GLY E 184 22.91 -2.53 32.05
C GLY E 184 22.23 -3.36 33.12
N LEU E 185 22.53 -3.07 34.39
CA LEU E 185 22.00 -3.84 35.51
C LEU E 185 20.94 -3.07 36.29
N TYR E 186 20.07 -3.83 36.93
CA TYR E 186 19.04 -3.27 37.79
C TYR E 186 19.59 -3.04 39.20
N SER E 187 18.85 -2.25 39.98
CA SER E 187 19.13 -1.94 41.38
C SER E 187 17.85 -1.43 42.03
N LEU E 188 17.57 -1.85 43.26
CA LEU E 188 16.42 -1.32 43.99
C LEU E 188 16.65 -1.21 45.49
N SER E 189 15.63 -0.69 46.18
CA SER E 189 15.63 -0.51 47.62
C SER E 189 14.35 -1.04 48.24
N SER E 190 14.49 -1.63 49.42
CA SER E 190 13.38 -1.90 50.31
C SER E 190 13.67 -1.19 51.62
N VAL E 191 12.63 -0.65 52.24
CA VAL E 191 12.77 0.14 53.46
C VAL E 191 11.63 -0.18 54.42
N VAL E 192 11.94 -0.17 55.71
CA VAL E 192 10.93 -0.33 56.74
C VAL E 192 11.19 0.67 57.85
N THR E 193 10.12 1.27 58.37
CA THR E 193 10.23 2.17 59.54
C THR E 193 9.79 1.38 60.77
N VAL E 194 10.48 1.61 61.89
CA VAL E 194 10.27 0.81 63.10
C VAL E 194 10.55 1.60 64.39
N PRO E 195 9.94 1.19 65.52
CA PRO E 195 10.30 1.73 66.84
C PRO E 195 11.80 1.63 67.14
N SER E 196 12.48 2.77 67.26
CA SER E 196 13.91 2.78 67.56
C SER E 196 14.23 2.32 68.99
N SER E 197 13.23 2.33 69.87
CA SER E 197 13.36 1.71 71.18
C SER E 197 13.59 0.19 71.10
N SER E 198 13.45 -0.41 69.92
CA SER E 198 13.75 -1.82 69.73
C SER E 198 14.80 -2.03 68.63
N LEU E 199 15.99 -1.45 68.78
CA LEU E 199 17.07 -1.63 67.79
C LEU E 199 18.29 -2.41 68.28
N GLY E 200 18.64 -2.28 69.56
CA GLY E 200 19.57 -3.20 70.21
C GLY E 200 18.85 -4.37 70.85
N THR E 201 17.61 -4.61 70.41
CA THR E 201 16.68 -5.54 71.04
C THR E 201 16.18 -6.51 69.97
N GLN E 202 15.51 -5.96 68.96
CA GLN E 202 14.92 -6.72 67.88
C GLN E 202 15.87 -6.82 66.71
N THR E 203 15.90 -8.00 66.10
CA THR E 203 16.76 -8.29 64.95
C THR E 203 15.95 -8.07 63.67
N TYR E 204 16.59 -7.56 62.64
CA TYR E 204 15.89 -7.25 61.39
C TYR E 204 16.62 -7.82 60.20
N ILE E 205 16.02 -8.84 59.57
CA ILE E 205 16.64 -9.52 58.45
C ILE E 205 15.84 -9.31 57.17
N CYS E 206 16.60 -9.01 56.13
CA CYS E 206 16.11 -8.71 54.81
C CYS E 206 16.23 -9.94 53.93
N ASN E 207 15.13 -10.34 53.29
CA ASN E 207 15.09 -11.57 52.48
C ASN E 207 14.90 -11.27 51.00
N VAL E 208 16.00 -11.20 50.27
CA VAL E 208 15.96 -11.01 48.83
C VAL E 208 15.81 -12.38 48.15
N ASN E 209 14.98 -12.45 47.12
CA ASN E 209 14.75 -13.69 46.38
C ASN E 209 14.75 -13.37 44.89
N HIS E 210 15.66 -14.00 44.14
CA HIS E 210 15.81 -13.77 42.70
C HIS E 210 15.69 -15.09 41.91
N LYS E 211 14.49 -15.38 41.40
CA LYS E 211 14.21 -16.64 40.67
C LYS E 211 15.00 -16.80 39.38
N PRO E 212 15.21 -15.71 38.61
CA PRO E 212 16.04 -15.85 37.40
C PRO E 212 17.41 -16.52 37.63
N SER E 213 18.02 -16.28 38.79
CA SER E 213 19.31 -16.89 39.13
C SER E 213 19.18 -17.94 40.24
N ASN E 214 17.96 -18.20 40.70
CA ASN E 214 17.71 -19.08 41.85
C ASN E 214 18.53 -18.73 43.10
N THR E 215 18.75 -17.44 43.32
CA THR E 215 19.51 -16.96 44.47
C THR E 215 18.51 -16.46 45.51
N LYS E 216 18.86 -16.65 46.79
CA LYS E 216 18.11 -16.10 47.91
C LYS E 216 19.05 -15.57 48.98
N VAL E 217 19.15 -14.25 49.05
CA VAL E 217 20.03 -13.57 50.00
C VAL E 217 19.26 -13.23 51.29
N ASP E 218 19.91 -13.46 52.43
CA ASP E 218 19.45 -13.01 53.74
C ASP E 218 20.54 -12.11 54.31
N LYS E 219 20.17 -10.88 54.64
CA LYS E 219 21.11 -9.91 55.18
C LYS E 219 20.57 -9.41 56.50
N ARG E 220 21.41 -9.36 57.51
CA ARG E 220 21.00 -8.80 58.79
C ARG E 220 21.27 -7.31 58.77
N VAL E 221 20.34 -6.52 59.28
CA VAL E 221 20.46 -5.09 59.28
C VAL E 221 20.52 -4.60 60.72
N GLU E 222 21.64 -3.97 61.08
CA GLU E 222 21.86 -3.51 62.45
C GLU E 222 22.30 -2.04 62.49
N PRO E 223 22.06 -1.36 63.64
CA PRO E 223 22.38 0.08 63.75
C PRO E 223 23.86 0.42 63.62
N LYS E 224 24.16 1.72 63.76
CA LYS E 224 25.53 2.21 63.80
C LYS E 224 26.23 1.95 62.48
N VAL F 1 13.87 18.47 25.00
CA VAL F 1 14.20 19.66 24.14
C VAL F 1 13.14 20.76 24.28
N LEU F 2 11.88 20.38 24.54
CA LEU F 2 10.88 21.33 25.04
C LEU F 2 10.77 21.24 26.55
N THR F 3 10.34 22.35 27.16
CA THR F 3 10.38 22.51 28.60
C THR F 3 8.99 22.71 29.17
N GLN F 4 8.54 21.77 30.01
CA GLN F 4 7.33 21.93 30.80
C GLN F 4 7.72 21.84 32.28
N PRO F 5 6.84 22.30 33.18
CA PRO F 5 7.11 22.06 34.59
C PRO F 5 6.82 20.61 34.96
N PRO F 6 7.58 20.04 35.92
CA PRO F 6 7.32 18.67 36.35
C PRO F 6 5.89 18.44 36.86
N SER F 7 5.49 19.09 37.95
CA SER F 7 4.14 18.94 38.47
C SER F 7 3.23 20.10 38.05
N ALA F 8 1.93 19.85 38.16
CA ALA F 8 0.91 20.89 38.05
C ALA F 8 -0.33 20.41 38.79
N SER F 9 -0.74 21.15 39.83
CA SER F 9 -1.87 20.71 40.65
C SER F 9 -3.03 21.71 40.60
N GLY F 10 -4.18 21.25 41.08
CA GLY F 10 -5.37 22.07 41.17
C GLY F 10 -6.46 21.32 41.90
N SER F 11 -7.27 22.04 42.66
CA SER F 11 -8.43 21.47 43.32
C SER F 11 -9.57 21.34 42.31
N PRO F 12 -10.56 20.47 42.58
CA PRO F 12 -11.58 20.23 41.56
C PRO F 12 -12.43 21.47 41.29
N GLY F 13 -12.70 21.72 40.01
CA GLY F 13 -13.38 22.94 39.59
C GLY F 13 -12.45 24.08 39.21
N GLN F 14 -11.21 24.05 39.70
CA GLN F 14 -10.26 25.12 39.43
C GLN F 14 -9.76 25.09 37.99
N SER F 15 -9.10 26.19 37.62
CA SER F 15 -8.42 26.32 36.35
C SER F 15 -6.94 26.14 36.59
N VAL F 16 -6.31 25.31 35.77
CA VAL F 16 -4.87 25.07 35.80
C VAL F 16 -4.31 25.35 34.43
N THR F 17 -3.06 25.80 34.40
CA THR F 17 -2.36 26.10 33.15
C THR F 17 -0.99 25.39 33.10
N ILE F 18 -0.68 24.82 31.95
CA ILE F 18 0.58 24.12 31.76
C ILE F 18 1.33 24.83 30.64
N SER F 19 2.48 25.41 30.96
CA SER F 19 3.32 26.05 29.95
C SER F 19 4.22 25.03 29.28
N CYS F 20 4.77 25.41 28.13
CA CYS F 20 5.62 24.55 27.33
C CYS F 20 6.51 25.46 26.49
N THR F 21 7.65 25.81 27.05
CA THR F 21 8.58 26.74 26.42
C THR F 21 9.39 26.02 25.34
N GLY F 22 9.49 26.65 24.17
CA GLY F 22 10.35 26.21 23.07
C GLY F 22 11.30 27.34 22.67
N THR F 23 11.63 27.41 21.39
CA THR F 23 12.48 28.47 20.86
C THR F 23 11.87 28.97 19.57
N SER F 24 12.51 29.96 18.94
CA SER F 24 11.98 30.56 17.72
C SER F 24 11.84 29.58 16.55
N SER F 25 12.56 28.46 16.58
CA SER F 25 12.44 27.41 15.57
C SER F 25 11.40 26.32 15.88
N ASP F 26 11.05 26.12 17.16
CA ASP F 26 10.12 25.06 17.57
C ASP F 26 8.69 25.63 17.63
N VAL F 27 8.22 25.96 18.84
CA VAL F 27 7.02 26.76 19.04
C VAL F 27 7.41 28.15 18.55
N GLY F 28 6.46 29.04 18.31
CA GLY F 28 6.83 30.39 17.90
C GLY F 28 7.50 30.49 16.53
N GLY F 29 7.89 29.36 15.94
CA GLY F 29 8.19 29.28 14.51
C GLY F 29 7.04 28.67 13.75
N TYR F 30 6.16 27.95 14.45
CA TYR F 30 5.06 27.24 13.82
C TYR F 30 3.82 27.25 14.70
N ASN F 31 2.67 27.12 14.06
CA ASN F 31 1.40 26.89 14.74
C ASN F 31 1.03 25.42 14.64
N TYR F 32 1.94 24.55 15.07
CA TYR F 32 1.74 23.10 15.03
C TYR F 32 2.03 22.49 16.38
N VAL F 33 1.80 23.25 17.45
CA VAL F 33 1.93 22.69 18.78
C VAL F 33 0.73 21.78 19.03
N SER F 34 1.01 20.61 19.59
CA SER F 34 -0.04 19.68 20.01
C SER F 34 0.15 19.29 21.46
N TRP F 35 -0.93 18.80 22.08
CA TRP F 35 -0.93 18.36 23.47
C TRP F 35 -1.54 16.99 23.58
N TYR F 36 -1.04 16.21 24.53
CA TYR F 36 -1.41 14.80 24.65
C TYR F 36 -1.67 14.44 26.09
N GLN F 37 -2.79 13.78 26.35
CA GLN F 37 -3.12 13.26 27.67
C GLN F 37 -2.78 11.78 27.69
N HIS F 38 -2.14 11.33 28.77
CA HIS F 38 -1.66 9.95 28.87
C HIS F 38 -2.02 9.36 30.21
N HIS F 39 -3.06 8.54 30.24
CA HIS F 39 -3.44 7.81 31.46
C HIS F 39 -2.60 6.53 31.61
N PRO F 40 -2.51 6.00 32.86
CA PRO F 40 -1.76 4.76 33.07
C PRO F 40 -2.34 3.60 32.26
N GLY F 41 -1.46 2.81 31.65
CA GLY F 41 -1.86 1.63 30.89
C GLY F 41 -2.83 1.88 29.75
N LYS F 42 -2.76 3.07 29.16
CA LYS F 42 -3.63 3.47 28.06
C LYS F 42 -2.85 4.28 27.03
N ALA F 43 -3.19 4.08 25.76
CA ALA F 43 -2.51 4.77 24.67
C ALA F 43 -2.78 6.26 24.78
N PRO F 44 -1.73 7.08 24.70
CA PRO F 44 -1.86 8.54 24.74
C PRO F 44 -2.95 9.12 23.81
N LYS F 45 -3.85 9.94 24.37
CA LYS F 45 -4.91 10.59 23.61
C LYS F 45 -4.45 11.99 23.19
N LEU F 46 -4.82 12.39 21.97
CA LEU F 46 -4.61 13.75 21.51
C LEU F 46 -5.74 14.64 22.04
N ILE F 47 -5.40 15.82 22.53
CA ILE F 47 -6.40 16.79 23.01
C ILE F 47 -6.34 18.16 22.33
N ILE F 48 -5.19 18.57 21.83
CA ILE F 48 -5.06 19.82 21.11
C ILE F 48 -4.17 19.66 19.89
N SER F 49 -4.66 20.09 18.73
CA SER F 49 -3.86 20.17 17.51
C SER F 49 -3.79 21.62 17.00
N GLU F 50 -2.71 21.93 16.27
CA GLU F 50 -2.45 23.28 15.76
C GLU F 50 -2.72 24.41 16.77
N VAL F 51 -2.01 24.35 17.90
CA VAL F 51 -2.05 25.35 18.99
C VAL F 51 -3.34 25.38 19.83
N ASN F 52 -4.53 25.36 19.19
CA ASN F 52 -5.79 25.46 19.92
C ASN F 52 -7.05 24.91 19.22
N ASN F 53 -6.90 23.86 18.41
CA ASN F 53 -8.06 23.15 17.84
C ASN F 53 -8.28 21.87 18.62
N ARG F 54 -9.28 21.86 19.51
CA ARG F 54 -9.66 20.62 20.19
C ARG F 54 -10.31 19.65 19.18
N PRO F 55 -9.70 18.47 18.98
CA PRO F 55 -10.29 17.43 18.12
C PRO F 55 -11.69 17.04 18.56
N SER F 56 -12.45 16.45 17.64
CA SER F 56 -13.83 16.03 17.90
C SER F 56 -13.88 15.08 19.11
N GLY F 57 -14.86 15.28 19.97
CA GLY F 57 -14.99 14.49 21.19
C GLY F 57 -13.99 14.81 22.30
N VAL F 58 -13.30 15.95 22.20
CA VAL F 58 -12.44 16.44 23.27
C VAL F 58 -13.22 17.56 23.98
N PRO F 59 -13.46 17.41 25.31
CA PRO F 59 -14.34 18.34 26.07
C PRO F 59 -14.03 19.83 25.96
N ASP F 60 -15.08 20.65 25.99
CA ASP F 60 -14.96 22.08 25.75
C ASP F 60 -14.27 22.86 26.89
N ARG F 61 -13.51 22.17 27.74
CA ARG F 61 -12.79 22.83 28.82
C ARG F 61 -11.27 22.77 28.68
N PHE F 62 -10.76 21.98 27.73
CA PHE F 62 -9.34 21.99 27.37
C PHE F 62 -9.10 23.03 26.29
N SER F 63 -8.15 23.94 26.53
CA SER F 63 -7.88 25.04 25.60
C SER F 63 -6.39 25.36 25.48
N GLY F 64 -5.96 25.72 24.28
CA GLY F 64 -4.54 25.94 23.96
C GLY F 64 -4.22 27.38 23.61
N SER F 65 -2.92 27.70 23.58
CA SER F 65 -2.44 29.08 23.39
C SER F 65 -0.91 29.13 23.31
N LYS F 66 -0.37 30.25 22.82
CA LYS F 66 1.08 30.51 22.89
C LYS F 66 1.40 32.00 22.79
N SER F 67 2.20 32.50 23.74
CA SER F 67 2.44 33.94 23.86
C SER F 67 3.63 34.37 22.99
N GLY F 68 4.76 33.71 23.20
CA GLY F 68 5.94 33.95 22.39
C GLY F 68 6.38 32.60 21.88
N ASN F 69 7.45 32.08 22.50
CA ASN F 69 7.89 30.71 22.31
C ASN F 69 7.34 29.83 23.42
N THR F 70 6.22 30.21 24.02
CA THR F 70 5.67 29.49 25.17
C THR F 70 4.24 29.10 24.91
N ALA F 71 4.06 27.90 24.35
CA ALA F 71 2.74 27.32 24.22
C ALA F 71 2.21 27.00 25.60
N SER F 72 0.90 26.85 25.69
CA SER F 72 0.24 26.74 26.96
C SER F 72 -1.07 25.99 26.82
N LEU F 73 -1.37 25.15 27.81
CA LEU F 73 -2.62 24.40 27.83
C LEU F 73 -3.34 24.66 29.12
N THR F 74 -4.64 24.88 29.02
CA THR F 74 -5.45 25.27 30.14
C THR F 74 -6.66 24.36 30.29
N VAL F 75 -6.93 23.97 31.53
CA VAL F 75 -8.12 23.22 31.84
C VAL F 75 -8.95 24.01 32.83
N SER F 76 -9.99 24.68 32.34
CA SER F 76 -10.91 25.40 33.21
C SER F 76 -11.99 24.44 33.69
N GLY F 77 -12.12 24.29 35.01
CA GLY F 77 -13.06 23.35 35.59
C GLY F 77 -12.50 21.96 35.60
N LEU F 78 -11.62 21.69 36.56
CA LEU F 78 -11.03 20.36 36.72
C LEU F 78 -12.06 19.28 37.08
N GLN F 79 -11.79 18.04 36.67
CA GLN F 79 -12.53 16.87 37.16
C GLN F 79 -11.56 15.72 37.46
N ALA F 80 -12.05 14.70 38.16
CA ALA F 80 -11.22 13.61 38.67
C ALA F 80 -10.41 12.85 37.61
N GLU F 81 -11.03 12.56 36.45
CA GLU F 81 -10.37 11.79 35.37
C GLU F 81 -9.56 12.66 34.39
N ASP F 82 -9.28 13.91 34.74
CA ASP F 82 -8.31 14.72 34.03
C ASP F 82 -6.94 14.61 34.68
N GLU F 83 -6.85 13.86 35.79
CA GLU F 83 -5.57 13.57 36.42
C GLU F 83 -4.77 12.60 35.54
N ALA F 84 -3.75 13.12 34.88
CA ALA F 84 -2.91 12.34 33.96
C ALA F 84 -1.57 13.05 33.70
N GLU F 85 -0.78 12.55 32.74
CA GLU F 85 0.43 13.24 32.29
C GLU F 85 0.19 13.88 30.95
N TYR F 86 0.59 15.14 30.84
CA TYR F 86 0.37 15.89 29.64
C TYR F 86 1.72 16.22 29.02
N TYR F 87 1.89 15.85 27.76
CA TYR F 87 3.08 16.23 27.00
C TYR F 87 2.64 17.20 25.93
N CYS F 88 3.55 18.09 25.54
CA CYS F 88 3.36 18.94 24.37
C CYS F 88 4.34 18.48 23.31
N SER F 89 3.95 18.62 22.05
CA SER F 89 4.84 18.37 20.93
C SER F 89 4.75 19.53 19.97
N SER F 90 5.77 19.67 19.13
CA SER F 90 5.76 20.70 18.11
C SER F 90 6.55 20.26 16.92
N TYR F 91 6.04 20.55 15.73
CA TYR F 91 6.84 20.45 14.52
C TYR F 91 8.03 21.40 14.69
N THR F 92 9.10 21.15 13.96
CA THR F 92 10.27 22.01 13.94
C THR F 92 11.02 21.67 12.71
N ASP F 93 11.73 22.62 12.11
CA ASP F 93 12.57 22.35 10.93
C ASP F 93 12.04 21.26 10.04
N ILE F 94 12.14 21.43 8.73
CA ILE F 94 12.11 20.30 7.76
C ILE F 94 11.90 18.91 8.42
N HIS F 95 10.66 18.41 8.38
CA HIS F 95 10.27 17.08 8.85
C HIS F 95 10.97 16.61 10.14
N ASN F 96 10.73 17.34 11.21
CA ASN F 96 11.32 17.04 12.51
C ASN F 96 10.36 17.42 13.64
N PHE F 97 10.49 16.75 14.79
CA PHE F 97 9.59 16.94 15.94
C PHE F 97 10.35 17.00 17.26
N VAL F 98 9.81 17.77 18.21
CA VAL F 98 10.36 17.85 19.58
C VAL F 98 9.22 17.77 20.56
N PHE F 99 9.52 17.32 21.78
CA PHE F 99 8.51 17.04 22.79
C PHE F 99 8.97 17.56 24.13
N GLY F 100 8.01 17.69 25.04
CA GLY F 100 8.30 18.06 26.41
C GLY F 100 8.49 16.85 27.29
N GLY F 101 9.18 17.05 28.40
CA GLY F 101 9.43 16.00 29.38
C GLY F 101 8.18 15.46 30.02
N GLY F 102 7.09 16.24 29.95
CA GLY F 102 5.80 15.82 30.43
C GLY F 102 5.47 16.56 31.70
N THR F 103 4.18 16.66 32.01
CA THR F 103 3.71 17.33 33.21
C THR F 103 2.70 16.41 33.90
N LYS F 104 3.00 16.08 35.17
CA LYS F 104 2.08 15.33 36.02
C LYS F 104 1.00 16.27 36.54
N LEU F 105 -0.16 16.25 35.90
CA LEU F 105 -1.30 17.06 36.32
C LEU F 105 -2.14 16.33 37.38
N THR F 106 -1.87 16.63 38.65
CA THR F 106 -2.59 16.02 39.74
C THR F 106 -3.83 16.86 40.08
N VAL F 107 -5.00 16.22 40.11
CA VAL F 107 -6.23 16.87 40.55
C VAL F 107 -6.41 16.52 42.02
N LEU F 108 -6.25 17.52 42.88
CA LEU F 108 -6.18 17.31 44.33
C LEU F 108 -7.43 16.62 44.85
N GLY F 109 -7.25 15.47 45.49
CA GLY F 109 -8.33 14.75 46.15
C GLY F 109 -8.01 14.34 47.58
N GLN F 110 -7.02 15.01 48.18
CA GLN F 110 -6.64 14.78 49.57
C GLN F 110 -5.65 15.88 49.99
N PRO F 111 -5.62 16.26 51.29
CA PRO F 111 -4.64 17.22 51.80
C PRO F 111 -3.21 17.00 51.30
N LYS F 112 -2.53 18.09 50.95
CA LYS F 112 -1.13 18.03 50.53
C LYS F 112 -0.22 17.56 51.66
N ALA F 113 0.99 17.16 51.29
CA ALA F 113 2.02 16.80 52.25
C ALA F 113 3.39 17.06 51.65
N ALA F 114 4.25 17.74 52.41
CA ALA F 114 5.65 17.92 52.02
C ALA F 114 6.42 16.63 52.27
N PRO F 115 7.39 16.34 51.42
CA PRO F 115 8.12 15.07 51.55
C PRO F 115 9.00 15.01 52.78
N SER F 116 9.26 13.80 53.25
CA SER F 116 10.28 13.54 54.25
C SER F 116 11.48 12.91 53.55
N VAL F 117 12.64 13.57 53.69
CA VAL F 117 13.86 13.10 53.07
C VAL F 117 14.67 12.35 54.12
N THR F 118 14.99 11.10 53.82
CA THR F 118 16.02 10.38 54.56
C THR F 118 17.14 10.08 53.59
N LEU F 119 18.38 10.17 54.04
CA LEU F 119 19.51 10.00 53.17
C LEU F 119 20.57 9.12 53.83
N PHE F 120 20.65 7.87 53.39
CA PHE F 120 21.61 6.94 53.92
C PHE F 120 22.95 7.14 53.23
N PRO F 121 24.05 7.12 54.00
CA PRO F 121 25.40 7.12 53.42
C PRO F 121 25.81 5.70 52.97
N PRO F 122 26.95 5.57 52.26
CA PRO F 122 27.44 4.24 51.90
C PRO F 122 27.70 3.32 53.10
N SER F 123 27.47 2.03 52.91
CA SER F 123 27.68 1.03 53.95
C SER F 123 29.18 0.90 54.24
N SER F 124 29.53 0.45 55.45
CA SER F 124 30.87 -0.12 55.69
C SER F 124 31.08 -1.16 54.60
N GLU F 125 30.06 -2.01 54.47
CA GLU F 125 30.09 -3.19 53.64
C GLU F 125 30.32 -2.83 52.17
N GLU F 126 29.80 -1.69 51.75
CA GLU F 126 29.83 -1.30 50.34
C GLU F 126 31.18 -0.67 50.05
N LEU F 127 31.59 0.23 50.95
CA LEU F 127 32.90 0.88 50.86
C LEU F 127 34.04 -0.13 50.74
N GLN F 128 34.05 -1.09 51.66
CA GLN F 128 35.08 -2.15 51.71
C GLN F 128 35.14 -2.96 50.43
N ALA F 129 34.00 -3.16 49.79
CA ALA F 129 33.93 -3.80 48.46
C ALA F 129 34.18 -2.81 47.31
N ASN F 130 34.77 -1.66 47.61
CA ASN F 130 35.10 -0.62 46.62
C ASN F 130 33.95 -0.10 45.76
N LYS F 131 32.76 -0.11 46.34
CA LYS F 131 31.59 0.54 45.78
C LYS F 131 31.14 1.62 46.75
N ALA F 132 30.37 2.58 46.25
CA ALA F 132 29.76 3.61 47.10
C ALA F 132 28.53 4.21 46.41
N THR F 133 27.38 4.10 47.05
CA THR F 133 26.15 4.68 46.52
C THR F 133 25.38 5.30 47.64
N LEU F 134 24.74 6.42 47.32
CA LEU F 134 23.98 7.21 48.26
C LEU F 134 22.52 7.05 47.91
N VAL F 135 21.70 6.72 48.91
CA VAL F 135 20.28 6.46 48.70
C VAL F 135 19.42 7.53 49.37
N CYS F 136 18.80 8.38 48.55
CA CYS F 136 17.83 9.37 49.02
C CYS F 136 16.45 8.73 49.09
N LEU F 137 15.84 8.82 50.26
CA LEU F 137 14.52 8.23 50.48
C LEU F 137 13.46 9.28 50.76
N ILE F 138 12.50 9.39 49.85
CA ILE F 138 11.50 10.45 49.92
C ILE F 138 10.15 9.83 50.22
N SER F 139 9.46 10.35 51.22
CA SER F 139 8.28 9.67 51.74
C SER F 139 7.18 10.62 52.20
N ASP F 140 5.94 10.14 52.06
CA ASP F 140 4.74 10.82 52.54
C ASP F 140 4.55 12.19 51.93
N PHE F 141 4.47 12.25 50.60
CA PHE F 141 4.21 13.50 49.92
C PHE F 141 3.02 13.40 48.99
N TYR F 142 2.34 14.53 48.79
CA TYR F 142 1.23 14.62 47.86
C TYR F 142 1.13 16.08 47.39
N PRO F 143 0.94 16.37 46.09
CA PRO F 143 0.86 15.41 44.98
C PRO F 143 2.09 14.57 44.74
N GLY F 144 1.90 13.47 44.03
CA GLY F 144 2.96 12.53 43.71
C GLY F 144 3.81 12.94 42.51
N ALA F 145 4.54 14.05 42.64
CA ALA F 145 5.44 14.53 41.60
C ALA F 145 6.51 15.42 42.22
N VAL F 146 7.75 14.93 42.16
CA VAL F 146 8.91 15.64 42.73
C VAL F 146 10.07 15.69 41.73
N THR F 147 11.17 16.32 42.14
CA THR F 147 12.35 16.51 41.30
C THR F 147 13.57 16.54 42.20
N VAL F 148 14.55 15.70 41.93
CA VAL F 148 15.71 15.54 42.80
C VAL F 148 16.97 16.12 42.15
N ALA F 149 17.85 16.66 42.99
CA ALA F 149 19.13 17.15 42.53
C ALA F 149 20.18 16.81 43.57
N TRP F 150 21.32 16.30 43.11
CA TRP F 150 22.41 15.97 44.00
C TRP F 150 23.47 17.04 43.94
N LYS F 151 24.15 17.26 45.06
CA LYS F 151 25.23 18.23 45.14
C LYS F 151 26.44 17.66 45.87
N ALA F 152 27.62 17.81 45.28
CA ALA F 152 28.88 17.52 45.95
C ALA F 152 29.32 18.83 46.58
N ASP F 153 29.56 18.81 47.88
CA ASP F 153 29.60 20.04 48.68
C ASP F 153 28.27 20.74 48.43
N SER F 154 28.29 21.85 47.66
CA SER F 154 27.08 22.45 47.12
C SER F 154 27.23 22.74 45.60
N SER F 155 28.03 21.92 44.93
CA SER F 155 28.21 21.99 43.48
C SER F 155 27.37 20.88 42.86
N PRO F 156 26.61 21.19 41.80
CA PRO F 156 25.63 20.19 41.30
C PRO F 156 26.25 18.96 40.64
N VAL F 157 25.60 17.81 40.77
CA VAL F 157 26.10 16.55 40.24
C VAL F 157 25.09 15.91 39.31
N LYS F 158 25.43 15.83 38.03
CA LYS F 158 24.56 15.22 37.03
C LYS F 158 24.94 13.76 36.73
N ALA F 159 26.20 13.39 36.94
CA ALA F 159 26.69 12.07 36.56
C ALA F 159 26.37 11.01 37.61
N GLY F 160 25.99 9.82 37.16
CA GLY F 160 25.78 8.68 38.04
C GLY F 160 24.54 8.77 38.90
N VAL F 161 23.47 9.34 38.35
CA VAL F 161 22.22 9.55 39.08
C VAL F 161 21.09 8.79 38.41
N GLU F 162 20.25 8.17 39.22
CA GLU F 162 19.04 7.50 38.76
C GLU F 162 17.95 7.73 39.80
N THR F 163 16.69 7.74 39.35
CA THR F 163 15.56 8.10 40.22
C THR F 163 14.28 7.35 39.88
N THR F 164 13.55 6.94 40.91
CA THR F 164 12.26 6.27 40.79
C THR F 164 11.18 7.30 40.47
N THR F 165 10.19 6.90 39.66
CA THR F 165 9.00 7.73 39.48
C THR F 165 8.04 7.44 40.64
N PRO F 166 7.54 8.51 41.31
CA PRO F 166 6.74 8.48 42.55
C PRO F 166 5.70 7.35 42.67
N SER F 167 5.82 6.54 43.72
CA SER F 167 5.04 5.32 43.90
C SER F 167 4.20 5.39 45.18
N LYS F 168 2.94 5.01 45.07
CA LYS F 168 1.97 5.10 46.18
C LYS F 168 2.26 4.13 47.32
N GLN F 169 2.09 4.61 48.56
CA GLN F 169 2.40 3.83 49.76
C GLN F 169 1.16 3.08 50.24
N SER F 170 1.32 2.42 51.38
CA SER F 170 0.21 1.90 52.17
C SER F 170 -0.89 2.91 52.43
N ASN F 171 -0.50 4.16 52.72
CA ASN F 171 -1.44 5.19 53.20
C ASN F 171 -1.73 6.30 52.17
N ASN F 172 -2.17 5.89 50.98
CA ASN F 172 -2.58 6.81 49.90
C ASN F 172 -1.62 7.97 49.58
N LYS F 173 -0.39 7.93 50.09
CA LYS F 173 0.55 9.01 49.89
C LYS F 173 1.67 8.39 49.10
N TYR F 174 2.56 9.24 48.60
CA TYR F 174 3.57 8.79 47.65
C TYR F 174 4.95 8.72 48.27
N ALA F 175 5.77 7.85 47.70
CA ALA F 175 7.16 7.71 48.09
C ALA F 175 7.97 7.64 46.81
N ALA F 176 9.27 7.87 46.93
CA ALA F 176 10.18 7.80 45.80
C ALA F 176 11.61 7.59 46.29
N SER F 177 12.51 7.37 45.34
CA SER F 177 13.91 7.07 45.65
C SER F 177 14.84 7.59 44.56
N SER F 178 16.03 8.02 44.97
CA SER F 178 17.06 8.45 44.03
C SER F 178 18.39 7.93 44.52
N TYR F 179 19.25 7.54 43.58
CA TYR F 179 20.52 6.91 43.91
C TYR F 179 21.62 7.73 43.27
N LEU F 180 22.70 7.97 44.00
CA LEU F 180 23.89 8.56 43.41
C LEU F 180 25.06 7.61 43.53
N SER F 181 25.49 7.07 42.41
CA SER F 181 26.57 6.10 42.40
C SER F 181 27.87 6.85 42.16
N LEU F 182 28.90 6.50 42.93
CA LEU F 182 30.19 7.16 42.80
C LEU F 182 31.31 6.31 43.37
N THR F 183 32.55 6.68 43.08
CA THR F 183 33.71 5.91 43.51
C THR F 183 34.04 6.30 44.96
N PRO F 184 34.54 5.35 45.77
CA PRO F 184 34.79 5.70 47.18
C PRO F 184 35.80 6.83 47.44
N GLU F 185 36.65 7.13 46.46
CA GLU F 185 37.64 8.20 46.60
C GLU F 185 36.93 9.54 46.39
N GLN F 186 35.93 9.54 45.50
CA GLN F 186 35.04 10.69 45.34
C GLN F 186 34.25 10.98 46.62
N TRP F 187 33.74 9.93 47.25
CA TRP F 187 33.00 10.07 48.51
C TRP F 187 33.87 10.71 49.59
N LYS F 188 35.04 10.12 49.82
CA LYS F 188 35.94 10.60 50.88
C LYS F 188 36.67 11.90 50.54
N SER F 189 36.65 12.32 49.28
CA SER F 189 37.19 13.62 48.91
C SER F 189 36.24 14.72 49.34
N HIS F 190 35.15 14.92 48.60
CA HIS F 190 34.18 15.97 48.93
C HIS F 190 33.74 15.96 50.41
N ARG F 191 33.58 17.16 50.97
CA ARG F 191 33.27 17.30 52.39
C ARG F 191 31.85 16.84 52.76
N SER F 192 30.90 17.01 51.86
CA SER F 192 29.54 16.51 52.07
C SER F 192 28.82 16.29 50.76
N TYR F 193 27.80 15.44 50.80
CA TYR F 193 26.92 15.20 49.66
C TYR F 193 25.50 15.50 50.07
N SER F 194 24.72 16.07 49.16
CA SER F 194 23.40 16.59 49.49
C SER F 194 22.37 16.19 48.47
N CYS F 195 21.19 15.82 48.97
CA CYS F 195 20.06 15.45 48.15
C CYS F 195 18.91 16.42 48.37
N GLN F 196 18.62 17.25 47.35
CA GLN F 196 17.51 18.21 47.45
C GLN F 196 16.35 17.90 46.53
N VAL F 197 15.17 17.72 47.10
CA VAL F 197 13.99 17.33 46.32
C VAL F 197 13.05 18.53 46.27
N THR F 198 12.54 18.81 45.07
CA THR F 198 11.64 19.91 44.83
C THR F 198 10.23 19.39 44.71
N HIS F 199 9.39 19.75 45.68
CA HIS F 199 7.97 19.46 45.68
C HIS F 199 7.19 20.77 45.83
N GLU F 200 6.50 21.17 44.75
CA GLU F 200 5.51 22.26 44.73
C GLU F 200 6.11 23.68 44.77
N GLY F 201 7.31 23.84 44.23
CA GLY F 201 8.00 25.15 44.27
C GLY F 201 8.79 25.40 45.53
N SER F 202 8.43 24.72 46.62
CA SER F 202 9.23 24.64 47.84
C SER F 202 10.01 23.33 47.88
N THR F 203 10.96 23.24 48.82
CA THR F 203 12.12 22.33 48.71
C THR F 203 12.64 21.79 50.05
N VAL F 204 12.91 20.48 50.09
CA VAL F 204 13.63 19.85 51.22
C VAL F 204 15.03 19.43 50.72
N GLU F 205 16.00 19.40 51.64
CA GLU F 205 17.39 19.04 51.31
C GLU F 205 18.14 18.47 52.50
N LYS F 206 18.44 17.17 52.48
CA LYS F 206 19.28 16.58 53.50
C LYS F 206 20.71 16.39 53.04
N THR F 207 21.59 16.22 54.02
CA THR F 207 23.03 16.19 53.82
C THR F 207 23.67 15.15 54.74
N VAL F 208 24.68 14.46 54.19
CA VAL F 208 25.48 13.47 54.93
C VAL F 208 26.97 13.70 54.67
N ALA F 209 27.82 13.13 55.52
CA ALA F 209 29.27 13.24 55.37
C ALA F 209 29.95 11.95 55.77
N PRO F 210 31.21 11.75 55.32
CA PRO F 210 32.04 10.69 55.88
C PRO F 210 32.28 10.83 57.38
#